data_5HWM
#
_entry.id   5HWM
#
_cell.length_a   169.520
_cell.length_b   119.030
_cell.length_c   74.280
_cell.angle_alpha   90.00
_cell.angle_beta   112.24
_cell.angle_gamma   90.00
#
_symmetry.space_group_name_H-M   'C 1 2 1'
#
loop_
_entity.id
_entity.type
_entity.pdbx_description
1 polymer 'Probable 5-dehydro-4-deoxyglucarate dehydratase'
2 non-polymer '2-OXOADIPIC ACID'
3 non-polymer 'FORMIC ACID'
4 water water
#
_entity_poly.entity_id   1
_entity_poly.type   'polypeptide(L)'
_entity_poly.pdbx_seq_one_letter_code
;MDPEQIKTALGSGLLSFPVTHFDAEGRFAADSYREHVEWLAGYKAPVLFAAGGTGEFFSLKPDEIPTIVAAAKEVAGETA
IVSGCGYGTEIAVDIARSVEKVGADGILLLPHYLIDAPQEGLYAHIKKVCQSVGIGVMVYNRDNSVLQADTLARLCDECP
NLVGFKDGTGDIGLVRQITAKMGDRLMYLGGMPTAELFAEAYLGAGFTTYSSAVFNFVPGLANEFYAALRAGERATCERI
LVDFFYPFMAIRNRAKGYAVSAVKAGVRLQGFNAGPVRAPLKDLTNEEIGMLEALIGTHKRKAWSHPQFEK
;
_entity_poly.pdbx_strand_id   A,B,C,D
#
loop_
_chem_comp.id
_chem_comp.type
_chem_comp.name
_chem_comp.formula
FMT non-polymer 'FORMIC ACID' 'C H2 O2'
OOG non-polymer '2-OXOADIPIC ACID' 'C6 H8 O5'
#
# COMPACT_ATOMS: atom_id res chain seq x y z
N MET A 1 1.44 3.43 40.83
CA MET A 1 1.01 4.83 40.98
C MET A 1 -0.35 4.96 40.34
N ASP A 2 -0.94 6.14 40.45
CA ASP A 2 -2.16 6.43 39.75
C ASP A 2 -1.86 7.02 38.34
N PRO A 3 -2.88 7.19 37.50
CA PRO A 3 -2.67 7.64 36.11
C PRO A 3 -1.89 8.95 35.90
N GLU A 4 -2.14 10.01 36.68
CA GLU A 4 -1.45 11.30 36.50
C GLU A 4 0.03 11.14 36.82
N GLN A 5 0.30 10.28 37.80
CA GLN A 5 1.67 10.01 38.18
C GLN A 5 2.40 9.28 37.08
N ILE A 6 1.81 8.21 36.54
CA ILE A 6 2.49 7.58 35.41
C ILE A 6 2.55 8.60 34.22
N LYS A 7 1.54 9.44 34.06
CA LYS A 7 1.58 10.43 32.98
C LYS A 7 2.84 11.25 33.13
N THR A 8 3.14 11.62 34.36
CA THR A 8 4.28 12.51 34.63
C THR A 8 5.60 11.76 34.36
N ALA A 9 5.70 10.55 34.92
CA ALA A 9 6.86 9.70 34.72
C ALA A 9 7.14 9.53 33.22
N LEU A 10 6.09 9.31 32.44
CA LEU A 10 6.22 9.15 31.00
C LEU A 10 6.82 10.35 30.29
N GLY A 11 6.66 11.53 30.89
CA GLY A 11 7.02 12.76 30.23
C GLY A 11 8.42 13.17 30.58
N SER A 12 9.05 12.44 31.49
CA SER A 12 10.22 12.94 32.22
C SER A 12 11.61 12.49 31.70
N GLY A 13 11.68 11.70 30.64
CA GLY A 13 12.98 11.29 30.14
C GLY A 13 12.83 10.32 28.98
N LEU A 14 13.96 9.76 28.54
CA LEU A 14 14.01 8.70 27.56
C LEU A 14 13.36 7.39 28.03
N LEU A 15 12.58 6.73 27.18
CA LEU A 15 11.86 5.51 27.62
C LEU A 15 12.38 4.26 26.93
N SER A 16 12.36 3.12 27.61
CA SER A 16 12.80 1.95 26.92
C SER A 16 11.98 0.69 27.20
N PHE A 17 12.18 -0.23 26.27
CA PHE A 17 11.45 -1.46 26.14
C PHE A 17 12.41 -2.68 26.16
N PRO A 18 12.61 -3.31 27.30
CA PRO A 18 13.55 -4.43 27.30
C PRO A 18 13.07 -5.66 26.58
N VAL A 19 13.98 -6.27 25.86
CA VAL A 19 13.70 -7.54 25.20
C VAL A 19 13.37 -8.55 26.26
N THR A 20 12.62 -9.59 25.91
CA THR A 20 12.34 -10.62 26.88
C THR A 20 13.36 -11.73 26.65
N HIS A 21 13.96 -12.15 27.73
CA HIS A 21 14.99 -13.17 27.68
C HIS A 21 14.35 -14.57 27.69
N PHE A 22 14.78 -15.46 26.80
CA PHE A 22 14.32 -16.84 26.76
C PHE A 22 15.54 -17.77 26.87
N ASP A 23 15.36 -18.96 27.44
CA ASP A 23 16.47 -19.91 27.46
C ASP A 23 16.49 -20.64 26.11
N ALA A 24 17.37 -21.60 25.96
CA ALA A 24 17.49 -22.32 24.70
C ALA A 24 16.17 -23.02 24.32
N GLU A 25 15.35 -23.38 25.32
CA GLU A 25 14.04 -24.05 25.08
C GLU A 25 12.86 -23.07 24.94
N GLY A 26 13.15 -21.79 24.73
CA GLY A 26 12.14 -20.78 24.51
C GLY A 26 11.34 -20.31 25.71
N ARG A 27 11.58 -20.94 26.85
CA ARG A 27 10.95 -20.53 28.11
C ARG A 27 11.48 -19.20 28.62
N PHE A 28 10.66 -18.46 29.38
CA PHE A 28 11.11 -17.21 30.00
C PHE A 28 12.35 -17.47 30.89
N ALA A 29 13.36 -16.61 30.75
CA ALA A 29 14.63 -16.74 31.47
C ALA A 29 14.82 -15.54 32.38
N ALA A 30 14.42 -15.69 33.64
CA ALA A 30 14.20 -14.55 34.52
C ALA A 30 15.49 -14.07 35.21
N ASP A 31 16.46 -14.96 35.41
N ASP A 31 16.45 -14.96 35.39
CA ASP A 31 17.74 -14.58 36.03
CA ASP A 31 17.71 -14.57 36.02
C ASP A 31 18.40 -13.58 35.10
C ASP A 31 18.40 -13.57 35.09
N SER A 32 18.57 -13.99 33.84
CA SER A 32 19.13 -13.14 32.81
C SER A 32 18.36 -11.85 32.60
N TYR A 33 17.03 -11.96 32.56
CA TYR A 33 16.15 -10.79 32.40
C TYR A 33 16.35 -9.72 33.49
N ARG A 34 16.37 -10.10 34.76
CA ARG A 34 16.49 -9.14 35.85
C ARG A 34 17.94 -8.55 35.83
N GLU A 35 18.92 -9.36 35.42
CA GLU A 35 20.31 -8.92 35.33
C GLU A 35 20.47 -7.78 34.31
N HIS A 36 19.95 -8.02 33.11
CA HIS A 36 19.90 -7.00 32.09
C HIS A 36 19.14 -5.71 32.49
N VAL A 37 17.99 -5.90 33.12
CA VAL A 37 17.13 -4.80 33.55
C VAL A 37 17.76 -3.99 34.71
N GLU A 38 18.64 -4.63 35.49
CA GLU A 38 19.30 -3.93 36.57
C GLU A 38 20.34 -3.02 35.94
N TRP A 39 20.94 -3.47 34.84
CA TRP A 39 21.89 -2.63 34.10
C TRP A 39 21.25 -1.38 33.49
N LEU A 40 20.12 -1.56 32.83
CA LEU A 40 19.28 -0.46 32.31
C LEU A 40 18.82 0.53 33.38
N ALA A 41 18.99 0.14 34.65
CA ALA A 41 18.50 0.94 35.78
C ALA A 41 19.53 1.97 36.11
N GLY A 42 20.78 1.52 35.99
CA GLY A 42 21.95 2.38 36.14
C GLY A 42 21.86 3.57 35.20
N TYR A 43 21.21 3.40 34.05
CA TYR A 43 21.16 4.49 33.08
C TYR A 43 19.89 5.33 33.20
N LYS A 44 19.09 5.07 34.24
CA LYS A 44 18.01 5.96 34.68
C LYS A 44 16.92 6.31 33.63
N ALA A 45 16.53 5.38 32.77
CA ALA A 45 15.24 5.53 32.06
C ALA A 45 14.08 5.64 33.08
N PRO A 46 13.25 6.70 32.99
CA PRO A 46 12.19 6.89 34.00
C PRO A 46 11.00 5.90 33.90
N VAL A 47 10.89 5.25 32.75
CA VAL A 47 9.86 4.25 32.52
C VAL A 47 10.40 3.09 31.70
N LEU A 48 10.07 1.91 32.20
CA LEU A 48 10.39 0.67 31.57
C LEU A 48 9.10 -0.07 31.13
N PHE A 49 9.04 -0.46 29.88
CA PHE A 49 7.92 -1.24 29.31
C PHE A 49 8.31 -2.71 29.29
N ALA A 50 7.77 -3.47 30.23
CA ALA A 50 7.95 -4.91 30.18
C ALA A 50 6.91 -5.56 29.27
N ALA A 51 7.39 -6.46 28.41
CA ALA A 51 6.59 -7.23 27.47
C ALA A 51 5.88 -6.32 26.46
N GLY A 52 6.64 -5.38 25.93
CA GLY A 52 6.17 -4.58 24.82
C GLY A 52 6.55 -5.31 23.55
N GLY A 53 6.45 -4.65 22.41
CA GLY A 53 6.78 -5.25 21.14
C GLY A 53 8.23 -5.62 21.04
N THR A 54 9.16 -4.76 21.46
CA THR A 54 10.58 -5.10 21.48
C THR A 54 10.80 -6.28 22.43
N GLY A 55 9.88 -6.39 23.39
CA GLY A 55 9.92 -7.49 24.32
C GLY A 55 9.11 -8.73 23.89
N GLU A 56 8.78 -8.78 22.59
CA GLU A 56 8.03 -9.89 21.94
C GLU A 56 6.67 -10.21 22.57
N PHE A 57 5.98 -9.17 22.99
CA PHE A 57 4.64 -9.32 23.48
C PHE A 57 3.79 -10.31 22.62
N PHE A 58 3.90 -10.16 21.32
CA PHE A 58 3.02 -10.84 20.32
C PHE A 58 3.35 -12.34 20.21
N SER A 59 4.36 -12.79 20.95
CA SER A 59 4.72 -14.22 21.06
C SER A 59 4.60 -14.76 22.45
N LEU A 60 4.12 -13.95 23.39
CA LEU A 60 3.96 -14.42 24.76
C LEU A 60 2.55 -14.95 25.04
N LYS A 61 2.46 -16.07 25.77
N LYS A 61 2.47 -16.06 25.78
CA LYS A 61 1.19 -16.48 26.36
CA LYS A 61 1.21 -16.49 26.37
C LYS A 61 0.77 -15.45 27.40
C LYS A 61 0.77 -15.47 27.41
N PRO A 62 -0.54 -15.18 27.49
CA PRO A 62 -1.04 -14.24 28.48
C PRO A 62 -0.64 -14.59 29.90
N ASP A 63 -0.51 -15.87 30.24
CA ASP A 63 -0.16 -16.20 31.61
C ASP A 63 1.32 -15.86 31.84
N GLU A 64 2.14 -15.72 30.78
CA GLU A 64 3.55 -15.31 30.99
C GLU A 64 3.75 -13.83 31.32
N ILE A 65 2.86 -12.95 30.89
N ILE A 65 2.81 -12.98 30.87
CA ILE A 65 3.15 -11.51 30.98
CA ILE A 65 3.01 -11.52 30.93
C ILE A 65 3.23 -11.01 32.43
C ILE A 65 3.20 -11.02 32.37
N PRO A 66 2.38 -11.51 33.33
CA PRO A 66 2.50 -11.10 34.73
C PRO A 66 3.81 -11.51 35.39
N THR A 67 4.29 -12.71 35.12
CA THR A 67 5.57 -13.18 35.63
C THR A 67 6.74 -12.28 35.15
N ILE A 68 6.76 -11.97 33.87
CA ILE A 68 7.71 -10.98 33.32
C ILE A 68 7.63 -9.60 34.01
N VAL A 69 6.43 -9.05 34.18
CA VAL A 69 6.29 -7.74 34.82
C VAL A 69 6.77 -7.77 36.27
N ALA A 70 6.55 -8.88 36.95
CA ALA A 70 6.94 -9.00 38.34
C ALA A 70 8.51 -9.10 38.45
N ALA A 71 9.13 -9.93 37.62
CA ALA A 71 10.58 -10.00 37.49
C ALA A 71 11.28 -8.64 37.31
N ALA A 72 10.94 -7.92 36.25
CA ALA A 72 11.39 -6.56 36.10
C ALA A 72 11.09 -5.66 37.32
N LYS A 73 9.94 -5.80 37.97
CA LYS A 73 9.63 -4.98 39.15
C LYS A 73 10.59 -5.23 40.34
N GLU A 74 11.13 -6.45 40.44
CA GLU A 74 12.09 -6.77 41.50
C GLU A 74 13.33 -5.87 41.46
N VAL A 75 13.79 -5.49 40.27
CA VAL A 75 15.11 -4.83 40.14
C VAL A 75 15.04 -3.48 39.44
N ALA A 76 13.83 -2.97 39.23
CA ALA A 76 13.63 -1.72 38.50
C ALA A 76 13.92 -0.46 39.33
N GLY A 77 13.87 -0.60 40.64
CA GLY A 77 14.04 0.53 41.54
C GLY A 77 12.81 1.41 41.50
N GLU A 78 13.01 2.71 41.30
CA GLU A 78 11.90 3.67 41.30
C GLU A 78 11.53 4.04 39.87
N THR A 79 11.93 3.18 38.92
CA THR A 79 11.49 3.32 37.54
C THR A 79 10.04 2.84 37.40
N ALA A 80 9.24 3.57 36.65
CA ALA A 80 7.88 3.13 36.46
C ALA A 80 7.95 1.89 35.59
N ILE A 81 7.10 0.89 35.87
CA ILE A 81 7.02 -0.30 35.06
C ILE A 81 5.62 -0.30 34.41
N VAL A 82 5.58 -0.24 33.07
CA VAL A 82 4.35 -0.35 32.25
C VAL A 82 4.32 -1.70 31.55
N SER A 83 3.15 -2.33 31.43
CA SER A 83 3.00 -3.66 30.79
C SER A 83 2.39 -3.62 29.37
N GLY A 84 2.93 -4.42 28.46
CA GLY A 84 2.28 -4.64 27.20
C GLY A 84 0.92 -5.24 27.53
N CYS A 85 -0.02 -5.09 26.59
CA CYS A 85 -1.36 -5.64 26.66
C CYS A 85 -1.81 -5.69 25.21
N GLY A 86 -2.71 -6.60 24.86
CA GLY A 86 -3.30 -6.52 23.55
C GLY A 86 -4.24 -7.65 23.19
N TYR A 87 -4.35 -7.81 21.88
CA TYR A 87 -5.25 -8.74 21.23
C TYR A 87 -6.65 -8.13 21.32
N GLY A 88 -7.67 -8.95 21.08
CA GLY A 88 -9.04 -8.46 21.12
C GLY A 88 -9.56 -8.30 22.52
N THR A 89 -10.73 -7.69 22.65
CA THR A 89 -11.20 -7.14 23.91
C THR A 89 -11.18 -8.07 25.09
N GLU A 90 -11.64 -9.30 24.88
CA GLU A 90 -11.70 -10.26 25.99
C GLU A 90 -10.34 -10.62 26.56
N ILE A 91 -9.44 -11.06 25.69
CA ILE A 91 -8.08 -11.33 26.13
C ILE A 91 -7.46 -10.06 26.68
N ALA A 92 -7.62 -8.92 26.01
CA ALA A 92 -6.86 -7.74 26.42
C ALA A 92 -7.21 -7.36 27.85
N VAL A 93 -8.49 -7.50 28.18
CA VAL A 93 -9.00 -7.14 29.49
C VAL A 93 -8.43 -8.01 30.61
N ASP A 94 -8.23 -9.27 30.27
CA ASP A 94 -7.77 -10.23 31.24
C ASP A 94 -6.31 -9.92 31.57
N ILE A 95 -5.53 -9.62 30.53
CA ILE A 95 -4.11 -9.36 30.66
C ILE A 95 -3.96 -8.11 31.51
N ALA A 96 -4.80 -7.12 31.20
CA ALA A 96 -4.77 -5.82 31.87
C ALA A 96 -4.96 -6.00 33.37
N ARG A 97 -6.04 -6.68 33.76
CA ARG A 97 -6.29 -6.98 35.17
C ARG A 97 -5.17 -7.85 35.83
N SER A 98 -4.69 -8.92 35.16
CA SER A 98 -3.56 -9.71 35.70
C SER A 98 -2.32 -8.86 36.00
N VAL A 99 -2.01 -7.85 35.16
CA VAL A 99 -0.79 -7.06 35.40
C VAL A 99 -1.06 -5.93 36.38
N GLU A 100 -2.30 -5.46 36.43
CA GLU A 100 -2.66 -4.52 37.48
C GLU A 100 -2.40 -5.18 38.81
N LYS A 101 -2.76 -6.46 38.86
CA LYS A 101 -2.76 -7.23 40.10
C LYS A 101 -1.33 -7.52 40.60
N VAL A 102 -0.37 -7.78 39.72
CA VAL A 102 1.03 -7.89 40.14
C VAL A 102 1.76 -6.52 40.29
N GLY A 103 1.03 -5.41 40.34
CA GLY A 103 1.62 -4.09 40.54
C GLY A 103 2.16 -3.26 39.38
N ALA A 104 1.84 -3.60 38.13
CA ALA A 104 2.16 -2.70 36.99
C ALA A 104 1.70 -1.23 37.21
N ASP A 105 2.51 -0.25 36.80
CA ASP A 105 2.14 1.15 36.91
C ASP A 105 1.38 1.70 35.71
N GLY A 106 1.19 0.90 34.65
CA GLY A 106 0.29 1.27 33.55
C GLY A 106 0.22 0.13 32.55
N ILE A 107 -0.60 0.24 31.51
CA ILE A 107 -0.42 -0.65 30.35
C ILE A 107 -0.28 0.12 29.03
N LEU A 108 0.44 -0.50 28.10
CA LEU A 108 0.54 -0.04 26.75
C LEU A 108 -0.31 -1.02 25.91
N LEU A 109 -1.33 -0.51 25.23
CA LEU A 109 -2.29 -1.38 24.56
C LEU A 109 -1.94 -1.47 23.10
N LEU A 110 -1.29 -2.58 22.76
CA LEU A 110 -1.01 -2.90 21.38
C LEU A 110 -2.34 -3.10 20.63
N PRO A 111 -2.29 -3.16 19.29
CA PRO A 111 -3.49 -3.34 18.45
C PRO A 111 -4.23 -4.61 18.73
N HIS A 112 -5.55 -4.64 18.49
CA HIS A 112 -6.29 -5.87 18.46
C HIS A 112 -5.70 -6.75 17.36
N TYR A 113 -6.14 -8.00 17.35
CA TYR A 113 -5.64 -9.00 16.43
C TYR A 113 -6.39 -9.08 15.07
N LEU A 114 -5.60 -9.06 13.99
CA LEU A 114 -5.93 -9.47 12.60
C LEU A 114 -6.76 -8.46 11.79
N ILE A 115 -7.91 -8.05 12.26
CA ILE A 115 -8.85 -7.33 11.41
C ILE A 115 -8.70 -5.80 11.34
N ASP A 116 -8.97 -5.24 10.14
CA ASP A 116 -9.24 -3.80 9.99
C ASP A 116 -10.59 -3.53 10.51
N ALA A 117 -10.73 -2.41 11.20
CA ALA A 117 -11.90 -2.19 12.04
C ALA A 117 -12.31 -0.76 11.91
N PRO A 118 -13.63 -0.48 11.99
CA PRO A 118 -14.01 0.94 11.92
C PRO A 118 -13.75 1.69 13.22
N GLN A 119 -13.59 3.00 13.09
CA GLN A 119 -13.36 3.90 14.22
C GLN A 119 -14.31 3.67 15.40
N GLU A 120 -15.58 3.32 15.15
CA GLU A 120 -16.55 3.12 16.24
C GLU A 120 -16.20 1.89 17.07
N GLY A 121 -15.70 0.89 16.35
CA GLY A 121 -15.27 -0.35 16.96
C GLY A 121 -14.03 -0.19 17.83
N LEU A 122 -13.06 0.59 17.34
CA LEU A 122 -11.82 0.85 18.08
C LEU A 122 -12.17 1.57 19.32
N TYR A 123 -13.03 2.59 19.17
CA TYR A 123 -13.58 3.31 20.34
C TYR A 123 -14.14 2.33 21.36
N ALA A 124 -14.98 1.40 20.90
CA ALA A 124 -15.66 0.53 21.83
C ALA A 124 -14.69 -0.44 22.49
N HIS A 125 -13.75 -0.98 21.71
CA HIS A 125 -12.78 -1.95 22.26
C HIS A 125 -11.85 -1.24 23.30
N ILE A 126 -11.26 -0.12 22.94
CA ILE A 126 -10.34 0.56 23.83
C ILE A 126 -11.02 1.07 25.09
N LYS A 127 -12.27 1.53 24.96
CA LYS A 127 -12.98 2.07 26.10
C LYS A 127 -13.17 0.98 27.12
N LYS A 128 -13.50 -0.21 26.64
CA LYS A 128 -13.74 -1.34 27.52
C LYS A 128 -12.45 -1.82 28.21
N VAL A 129 -11.32 -1.85 27.52
CA VAL A 129 -10.08 -2.22 28.19
C VAL A 129 -9.73 -1.17 29.25
N CYS A 130 -9.81 0.12 28.93
CA CYS A 130 -9.49 1.14 29.92
C CYS A 130 -10.35 1.01 31.18
N GLN A 131 -11.64 0.73 30.98
CA GLN A 131 -12.58 0.61 32.08
C GLN A 131 -12.41 -0.62 32.95
N SER A 132 -11.68 -1.58 32.45
CA SER A 132 -11.40 -2.76 33.23
C SER A 132 -10.36 -2.60 34.36
N VAL A 133 -9.50 -1.58 34.28
CA VAL A 133 -8.44 -1.31 35.31
C VAL A 133 -8.48 0.15 35.82
N GLY A 134 -7.82 0.40 36.96
CA GLY A 134 -7.66 1.75 37.48
C GLY A 134 -6.35 2.41 37.04
N ILE A 135 -5.43 1.63 36.52
CA ILE A 135 -4.10 2.15 36.20
C ILE A 135 -4.13 2.95 34.91
N GLY A 136 -3.01 3.61 34.66
CA GLY A 136 -2.86 4.49 33.52
C GLY A 136 -2.77 3.64 32.28
N VAL A 137 -3.35 4.17 31.22
CA VAL A 137 -3.35 3.47 29.92
C VAL A 137 -2.72 4.30 28.82
N MET A 138 -1.80 3.71 28.06
N MET A 138 -1.78 3.71 28.07
CA MET A 138 -1.33 4.36 26.83
CA MET A 138 -1.29 4.33 26.83
C MET A 138 -1.79 3.61 25.59
C MET A 138 -1.81 3.59 25.59
N VAL A 139 -2.48 4.31 24.68
CA VAL A 139 -2.85 3.73 23.35
C VAL A 139 -1.70 3.79 22.33
N TYR A 140 -1.77 2.98 21.29
CA TYR A 140 -0.64 2.76 20.41
C TYR A 140 -1.14 2.69 18.95
N ASN A 141 -0.97 3.78 18.19
CA ASN A 141 -1.37 3.83 16.78
C ASN A 141 -0.37 3.10 15.88
N ARG A 142 -0.86 2.03 15.25
CA ARG A 142 -0.04 1.24 14.33
C ARG A 142 -0.85 0.15 13.65
N ASP A 143 -0.55 -0.05 12.38
CA ASP A 143 -1.02 -1.18 11.60
C ASP A 143 -2.56 -1.21 11.53
N ASN A 144 -3.23 -2.17 12.16
CA ASN A 144 -4.70 -2.35 11.98
C ASN A 144 -5.48 -1.60 13.07
N SER A 145 -4.75 -0.75 13.81
CA SER A 145 -5.34 0.09 14.84
C SER A 145 -4.78 1.50 14.80
N VAL A 146 -5.47 2.36 14.05
CA VAL A 146 -5.06 3.73 13.87
C VAL A 146 -6.22 4.63 14.19
N LEU A 147 -6.17 5.16 15.41
CA LEU A 147 -7.22 6.09 15.89
C LEU A 147 -7.08 7.45 15.21
N GLN A 148 -8.20 7.98 14.74
CA GLN A 148 -8.24 9.40 14.33
C GLN A 148 -8.29 10.35 15.56
N ALA A 149 -8.06 11.64 15.30
CA ALA A 149 -8.07 12.65 16.34
C ALA A 149 -9.42 12.73 17.00
N ASP A 150 -10.50 12.63 16.22
CA ASP A 150 -11.80 12.84 16.82
C ASP A 150 -12.18 11.64 17.70
N THR A 151 -11.88 10.42 17.28
CA THR A 151 -12.09 9.26 18.13
C THR A 151 -11.32 9.29 19.46
N LEU A 152 -10.05 9.70 19.38
CA LEU A 152 -9.19 9.73 20.56
C LEU A 152 -9.70 10.75 21.56
N ALA A 153 -10.19 11.87 21.03
CA ALA A 153 -10.85 12.90 21.85
C ALA A 153 -11.98 12.27 22.66
N ARG A 154 -12.80 11.50 21.98
N ARG A 154 -12.85 11.52 21.98
CA ARG A 154 -13.96 10.92 22.62
CA ARG A 154 -13.98 10.89 22.66
C ARG A 154 -13.53 9.90 23.70
C ARG A 154 -13.47 9.95 23.75
N LEU A 155 -12.48 9.11 23.42
CA LEU A 155 -11.91 8.22 24.42
C LEU A 155 -11.33 9.04 25.60
N CYS A 156 -10.60 10.11 25.31
CA CYS A 156 -10.03 10.97 26.36
C CYS A 156 -11.09 11.55 27.30
N ASP A 157 -12.21 12.02 26.73
CA ASP A 157 -13.34 12.57 27.52
C ASP A 157 -14.02 11.54 28.39
N GLU A 158 -14.02 10.31 27.90
CA GLU A 158 -14.72 9.21 28.56
C GLU A 158 -13.84 8.40 29.54
N CYS A 159 -12.52 8.39 29.31
CA CYS A 159 -11.63 7.52 30.08
C CYS A 159 -10.46 8.31 30.71
N PRO A 160 -10.62 8.77 31.97
CA PRO A 160 -9.60 9.66 32.54
C PRO A 160 -8.25 8.95 32.69
N ASN A 161 -8.24 7.66 32.98
CA ASN A 161 -6.98 6.92 33.05
C ASN A 161 -6.25 6.70 31.72
N LEU A 162 -6.87 7.03 30.59
CA LEU A 162 -6.13 7.05 29.32
C LEU A 162 -5.28 8.31 29.29
N VAL A 163 -3.95 8.18 29.43
CA VAL A 163 -3.04 9.32 29.63
C VAL A 163 -1.90 9.47 28.60
N GLY A 164 -1.72 8.47 27.75
CA GLY A 164 -0.64 8.51 26.78
C GLY A 164 -0.99 7.95 25.41
N PHE A 165 -0.20 8.34 24.42
CA PHE A 165 -0.37 7.97 23.01
C PHE A 165 0.97 7.68 22.39
N LYS A 166 1.20 6.42 21.97
CA LYS A 166 2.43 6.02 21.26
C LYS A 166 2.20 5.87 19.75
N ASP A 167 3.06 6.48 18.95
CA ASP A 167 2.98 6.38 17.53
C ASP A 167 3.91 5.41 16.91
N GLY A 168 3.30 4.56 16.09
CA GLY A 168 4.00 3.61 15.25
C GLY A 168 3.74 3.73 13.75
N THR A 169 3.07 4.81 13.32
CA THR A 169 2.64 4.92 11.90
C THR A 169 3.66 5.69 11.10
N GLY A 170 4.32 6.66 11.73
CA GLY A 170 5.11 7.62 10.99
C GLY A 170 4.29 8.62 10.22
N ASP A 171 3.01 8.71 10.54
CA ASP A 171 2.11 9.57 9.77
C ASP A 171 2.15 10.96 10.41
N ILE A 172 3.16 11.73 10.02
CA ILE A 172 3.40 13.03 10.65
C ILE A 172 2.21 13.97 10.58
N GLY A 173 1.50 13.96 9.45
CA GLY A 173 0.31 14.78 9.32
C GLY A 173 -0.71 14.43 10.39
N LEU A 174 -0.92 13.14 10.58
CA LEU A 174 -1.93 12.71 11.54
C LEU A 174 -1.43 12.92 12.99
N VAL A 175 -0.13 12.79 13.26
CA VAL A 175 0.26 12.89 14.66
C VAL A 175 0.36 14.35 15.09
N ARG A 176 0.59 15.25 14.14
CA ARG A 176 0.50 16.68 14.45
C ARG A 176 -0.96 17.08 14.74
N GLN A 177 -1.89 16.58 13.94
CA GLN A 177 -3.29 16.83 14.21
C GLN A 177 -3.69 16.35 15.60
N ILE A 178 -3.28 15.15 15.97
CA ILE A 178 -3.57 14.61 17.30
C ILE A 178 -2.98 15.50 18.46
N THR A 179 -1.77 15.99 18.34
CA THR A 179 -1.23 16.82 19.46
C THR A 179 -1.90 18.21 19.51
N ALA A 180 -2.17 18.79 18.34
CA ALA A 180 -2.96 20.03 18.23
C ALA A 180 -4.35 19.95 18.86
N LYS A 181 -4.97 18.78 18.79
CA LYS A 181 -6.33 18.64 19.26
C LYS A 181 -6.34 18.30 20.74
N MET A 182 -5.44 17.45 21.18
CA MET A 182 -5.57 16.96 22.54
C MET A 182 -4.78 17.85 23.49
N GLY A 183 -3.71 18.47 23.02
CA GLY A 183 -2.87 19.27 23.92
C GLY A 183 -2.19 18.47 25.01
N ASP A 184 -2.14 19.02 26.23
CA ASP A 184 -1.49 18.35 27.36
C ASP A 184 -2.45 17.37 28.06
N ARG A 185 -3.63 17.16 27.45
CA ARG A 185 -4.50 16.09 27.89
C ARG A 185 -3.76 14.76 27.86
N LEU A 186 -2.81 14.63 26.92
CA LEU A 186 -2.01 13.41 26.77
C LEU A 186 -0.51 13.67 26.71
N MET A 187 0.28 12.65 27.11
N MET A 187 0.28 12.68 27.13
CA MET A 187 1.74 12.59 26.95
CA MET A 187 1.71 12.72 26.85
C MET A 187 2.03 11.82 25.64
C MET A 187 1.89 11.96 25.55
N TYR A 188 2.86 12.38 24.75
CA TYR A 188 3.06 11.80 23.41
C TYR A 188 4.42 11.14 23.31
N LEU A 189 4.38 9.84 22.95
N LEU A 189 4.40 9.85 22.92
CA LEU A 189 5.59 9.02 22.84
CA LEU A 189 5.59 9.01 22.83
C LEU A 189 5.86 8.62 21.36
C LEU A 189 5.88 8.58 21.37
N GLY A 190 7.07 8.94 20.89
CA GLY A 190 7.50 8.51 19.57
C GLY A 190 7.81 7.01 19.60
N GLY A 191 7.36 6.24 18.61
CA GLY A 191 7.43 4.79 18.73
C GLY A 191 7.79 4.03 17.48
N MET A 192 8.35 4.72 16.50
CA MET A 192 8.78 4.05 15.29
C MET A 192 9.89 3.08 15.59
N PRO A 193 10.07 2.05 14.76
CA PRO A 193 11.27 1.25 14.99
C PRO A 193 12.48 2.14 14.70
N THR A 194 13.37 2.18 15.69
CA THR A 194 14.58 3.02 15.67
C THR A 194 14.21 4.51 15.68
N ALA A 195 13.56 4.92 16.76
CA ALA A 195 12.86 6.20 16.82
C ALA A 195 13.76 7.43 16.72
N GLU A 196 15.07 7.26 16.97
CA GLU A 196 16.02 8.33 16.78
C GLU A 196 16.03 8.86 15.34
N LEU A 197 15.93 7.97 14.37
CA LEU A 197 15.67 8.42 13.00
C LEU A 197 14.55 9.44 12.84
N PHE A 198 13.63 9.46 13.80
CA PHE A 198 12.42 10.27 13.74
C PHE A 198 12.33 11.38 14.80
N ALA A 199 13.20 11.31 15.80
CA ALA A 199 13.06 12.13 17.03
C ALA A 199 12.94 13.66 16.84
N GLU A 200 13.79 14.19 15.98
CA GLU A 200 13.83 15.63 15.72
C GLU A 200 12.55 16.16 15.03
N ALA A 201 12.04 15.42 14.04
CA ALA A 201 10.76 15.80 13.45
C ALA A 201 9.58 15.62 14.42
N TYR A 202 9.64 14.59 15.28
CA TYR A 202 8.54 14.36 16.25
C TYR A 202 8.41 15.40 17.36
N LEU A 203 9.52 15.92 17.84
CA LEU A 203 9.46 16.99 18.84
C LEU A 203 8.83 18.20 18.19
N GLY A 204 9.33 18.56 17.02
CA GLY A 204 8.68 19.59 16.19
C GLY A 204 7.18 19.41 16.10
N ALA A 205 6.75 18.17 15.93
CA ALA A 205 5.33 17.86 15.90
C ALA A 205 4.71 17.80 17.30
N GLY A 206 5.54 18.07 18.31
CA GLY A 206 5.04 18.28 19.65
C GLY A 206 5.02 17.06 20.53
N PHE A 207 5.87 16.08 20.23
CA PHE A 207 5.88 14.84 20.98
C PHE A 207 6.73 14.94 22.23
N THR A 208 6.08 14.59 23.35
CA THR A 208 6.60 14.82 24.67
C THR A 208 8.00 14.18 24.80
N THR A 209 8.19 12.98 24.21
CA THR A 209 9.47 12.22 24.17
C THR A 209 9.42 11.04 23.14
N TYR A 210 10.28 10.01 23.29
CA TYR A 210 10.25 8.78 22.48
C TYR A 210 10.92 7.62 23.20
N SER A 211 10.83 6.43 22.56
CA SER A 211 11.41 5.20 23.11
C SER A 211 12.47 4.65 22.18
N SER A 212 13.52 4.13 22.80
CA SER A 212 14.73 3.73 22.12
C SER A 212 14.98 2.25 22.34
N ALA A 213 14.49 1.46 21.39
CA ALA A 213 14.88 0.07 21.33
C ALA A 213 16.44 -0.09 21.56
N VAL A 214 17.29 0.68 20.85
CA VAL A 214 18.74 0.41 20.91
C VAL A 214 19.33 0.65 22.31
N PHE A 215 18.66 1.46 23.11
CA PHE A 215 19.02 1.64 24.53
C PHE A 215 19.18 0.29 25.24
N ASN A 216 18.51 -0.78 24.77
CA ASN A 216 18.73 -2.13 25.29
C ASN A 216 20.22 -2.48 25.38
N PHE A 217 20.99 -2.11 24.35
CA PHE A 217 22.38 -2.60 24.25
C PHE A 217 23.44 -1.49 24.14
N VAL A 218 23.04 -0.24 23.85
CA VAL A 218 23.98 0.96 23.92
C VAL A 218 23.25 2.16 24.54
N PRO A 219 22.88 2.01 25.81
CA PRO A 219 22.11 3.01 26.53
C PRO A 219 22.90 4.29 26.67
N GLY A 220 24.22 4.15 26.80
CA GLY A 220 25.05 5.30 26.87
C GLY A 220 24.93 6.20 25.65
N LEU A 221 25.06 5.60 24.48
CA LEU A 221 24.85 6.24 23.18
C LEU A 221 23.39 6.79 23.02
N ALA A 222 22.38 6.01 23.34
CA ALA A 222 20.98 6.51 23.31
C ALA A 222 20.77 7.73 24.24
N ASN A 223 21.32 7.70 25.47
CA ASN A 223 21.17 8.79 26.43
C ASN A 223 21.78 10.10 25.86
N GLU A 224 22.98 10.02 25.29
CA GLU A 224 23.68 11.16 24.69
C GLU A 224 22.92 11.72 23.44
N PHE A 225 22.41 10.86 22.54
CA PHE A 225 21.56 11.36 21.45
C PHE A 225 20.36 12.11 22.07
N TYR A 226 19.78 11.56 23.15
CA TYR A 226 18.58 12.15 23.81
C TYR A 226 18.91 13.53 24.46
N ALA A 227 20.02 13.63 25.15
CA ALA A 227 20.40 14.93 25.77
C ALA A 227 20.74 15.94 24.70
N ALA A 228 21.44 15.49 23.66
CA ALA A 228 21.75 16.39 22.55
C ALA A 228 20.46 16.91 21.88
N LEU A 229 19.43 16.07 21.78
CA LEU A 229 18.22 16.46 21.09
C LEU A 229 17.56 17.58 21.92
N ARG A 230 17.47 17.34 23.23
CA ARG A 230 16.73 18.27 24.11
C ARG A 230 17.50 19.59 24.27
N ALA A 231 18.81 19.59 24.06
CA ALA A 231 19.58 20.82 24.13
C ALA A 231 19.75 21.51 22.75
N GLY A 232 19.15 20.94 21.71
CA GLY A 232 19.30 21.49 20.37
C GLY A 232 20.70 21.35 19.77
N GLU A 233 21.46 20.36 20.23
CA GLU A 233 22.78 20.10 19.69
C GLU A 233 22.63 19.34 18.38
N ARG A 234 22.17 20.01 17.32
N ARG A 234 22.19 20.02 17.32
CA ARG A 234 21.93 19.35 16.05
CA ARG A 234 21.91 19.38 16.04
C ARG A 234 23.16 18.58 15.57
C ARG A 234 23.14 18.64 15.45
N ALA A 235 24.34 19.19 15.61
CA ALA A 235 25.55 18.53 15.07
C ALA A 235 25.87 17.17 15.74
N THR A 236 25.64 17.11 17.04
CA THR A 236 25.85 15.92 17.85
C THR A 236 24.87 14.84 17.44
N CYS A 237 23.61 15.22 17.34
CA CYS A 237 22.58 14.29 16.86
C CYS A 237 22.95 13.72 15.50
N GLU A 238 23.45 14.59 14.64
CA GLU A 238 23.65 14.24 13.23
C GLU A 238 24.84 13.29 13.11
N ARG A 239 25.89 13.55 13.88
CA ARG A 239 27.05 12.67 13.90
C ARG A 239 26.59 11.26 14.37
N ILE A 240 25.67 11.20 15.35
CA ILE A 240 25.29 9.90 15.89
C ILE A 240 24.39 9.15 14.88
N LEU A 241 23.50 9.88 14.19
CA LEU A 241 22.75 9.32 13.04
C LEU A 241 23.62 8.74 11.90
N VAL A 242 24.66 9.44 11.49
CA VAL A 242 25.52 9.00 10.40
C VAL A 242 26.44 7.88 10.86
N ASP A 243 26.97 8.00 12.09
CA ASP A 243 27.96 7.03 12.59
C ASP A 243 27.31 5.72 13.09
N PHE A 244 26.06 5.78 13.55
CA PHE A 244 25.49 4.64 14.23
C PHE A 244 24.09 4.32 13.76
N PHE A 245 23.18 5.29 13.75
CA PHE A 245 21.82 4.88 13.38
C PHE A 245 21.61 4.46 11.93
N TYR A 246 22.02 5.20 10.92
CA TYR A 246 21.81 4.67 9.56
C TYR A 246 22.56 3.34 9.29
N PRO A 247 23.82 3.21 9.71
CA PRO A 247 24.42 1.86 9.72
C PRO A 247 23.57 0.77 10.46
N PHE A 248 23.01 1.06 11.64
CA PHE A 248 22.17 0.08 12.29
C PHE A 248 20.96 -0.20 11.43
N MET A 249 20.44 0.83 10.79
N MET A 249 20.46 0.86 10.80
CA MET A 249 19.24 0.61 9.96
CA MET A 249 19.26 0.79 9.93
C MET A 249 19.52 -0.30 8.79
C MET A 249 19.47 -0.15 8.74
N ALA A 250 20.69 -0.18 8.18
CA ALA A 250 21.05 -1.06 7.08
C ALA A 250 21.11 -2.53 7.51
N ILE A 251 21.47 -2.76 8.78
CA ILE A 251 21.48 -4.12 9.32
C ILE A 251 20.02 -4.59 9.55
N ARG A 252 19.22 -3.68 10.11
CA ARG A 252 17.84 -3.96 10.49
CA ARG A 252 17.82 -3.96 10.49
C ARG A 252 16.90 -4.24 9.30
N ASN A 253 17.15 -3.57 8.16
CA ASN A 253 16.44 -3.77 6.90
C ASN A 253 16.86 -5.01 6.05
N ARG A 254 17.62 -5.96 6.60
CA ARG A 254 18.03 -7.15 5.83
C ARG A 254 16.96 -8.25 5.87
N ALA A 255 16.08 -8.16 6.86
CA ALA A 255 15.01 -9.13 6.96
C ALA A 255 13.89 -8.51 7.75
N LYS A 256 12.68 -8.99 7.50
CA LYS A 256 11.56 -8.69 8.32
C LYS A 256 11.76 -9.20 9.73
N GLY A 257 11.19 -8.47 10.68
CA GLY A 257 11.30 -8.77 12.10
C GLY A 257 12.60 -8.34 12.81
N TYR A 258 13.61 -7.91 12.06
CA TYR A 258 14.94 -7.53 12.61
C TYR A 258 14.92 -6.22 13.42
N ALA A 259 13.84 -5.47 13.37
CA ALA A 259 13.61 -4.42 14.37
C ALA A 259 13.58 -4.98 15.79
N VAL A 260 13.21 -6.23 15.95
CA VAL A 260 13.37 -6.84 17.25
C VAL A 260 14.60 -7.76 17.32
N SER A 261 14.77 -8.67 16.37
CA SER A 261 15.96 -9.51 16.37
C SER A 261 17.35 -8.78 16.40
N ALA A 262 17.51 -7.66 15.69
CA ALA A 262 18.80 -6.97 15.70
C ALA A 262 19.10 -6.43 17.12
N VAL A 263 18.07 -5.92 17.77
CA VAL A 263 18.17 -5.42 19.14
C VAL A 263 18.55 -6.55 20.12
N LYS A 264 17.81 -7.66 20.10
CA LYS A 264 18.14 -8.81 20.98
C LYS A 264 19.60 -9.34 20.73
N ALA A 265 20.00 -9.46 19.46
CA ALA A 265 21.40 -9.83 19.15
C ALA A 265 22.39 -8.81 19.77
N GLY A 266 22.08 -7.51 19.70
CA GLY A 266 22.89 -6.49 20.38
C GLY A 266 23.02 -6.71 21.88
N VAL A 267 21.93 -7.08 22.54
CA VAL A 267 21.97 -7.37 23.96
C VAL A 267 22.88 -8.56 24.25
N ARG A 268 22.75 -9.59 23.42
CA ARG A 268 23.58 -10.76 23.57
C ARG A 268 25.08 -10.39 23.40
N LEU A 269 25.38 -9.55 22.41
CA LEU A 269 26.75 -9.21 22.13
C LEU A 269 27.34 -8.46 23.32
N GLN A 270 26.51 -7.80 24.15
CA GLN A 270 27.02 -7.06 25.32
C GLN A 270 27.12 -7.90 26.61
N GLY A 271 27.00 -9.21 26.41
CA GLY A 271 27.08 -10.22 27.42
C GLY A 271 25.87 -10.53 28.28
N PHE A 272 24.67 -10.20 27.82
CA PHE A 272 23.43 -10.53 28.54
C PHE A 272 22.78 -11.67 27.77
N ASN A 273 22.59 -12.82 28.41
CA ASN A 273 22.15 -14.05 27.75
C ASN A 273 20.65 -14.05 27.36
N ALA A 274 20.28 -13.13 26.46
CA ALA A 274 18.89 -12.81 26.10
C ALA A 274 18.26 -14.02 25.48
N GLY A 275 19.10 -14.85 24.88
CA GLY A 275 18.64 -16.04 24.15
C GLY A 275 17.96 -15.70 22.81
N PRO A 276 17.46 -16.73 22.11
CA PRO A 276 16.87 -16.60 20.77
C PRO A 276 15.57 -15.84 20.74
N VAL A 277 15.11 -15.42 19.57
CA VAL A 277 13.69 -14.97 19.41
C VAL A 277 12.76 -16.18 19.24
N ARG A 278 11.47 -15.99 19.52
CA ARG A 278 10.48 -17.00 19.15
C ARG A 278 9.97 -16.79 17.74
N ALA A 279 9.66 -17.90 17.07
CA ALA A 279 9.08 -17.84 15.75
C ALA A 279 7.76 -17.12 15.93
N PRO A 280 7.35 -16.31 14.95
CA PRO A 280 7.96 -16.34 13.61
C PRO A 280 9.07 -15.31 13.34
N LEU A 281 9.65 -14.66 14.35
CA LEU A 281 10.88 -13.94 14.11
C LEU A 281 11.98 -14.96 13.80
N LYS A 282 13.10 -14.48 13.30
N LYS A 282 13.11 -14.47 13.32
CA LYS A 282 14.27 -15.32 13.21
CA LYS A 282 14.30 -15.32 13.19
C LYS A 282 15.45 -14.54 13.73
C LYS A 282 15.52 -14.53 13.62
N ASP A 283 16.50 -15.25 14.14
CA ASP A 283 17.69 -14.62 14.68
C ASP A 283 18.61 -14.21 13.54
N LEU A 284 19.32 -13.11 13.76
CA LEU A 284 20.41 -12.74 12.89
C LEU A 284 21.32 -13.97 12.66
N THR A 285 21.84 -14.08 11.44
CA THR A 285 22.93 -15.00 11.11
C THR A 285 24.19 -14.68 11.88
N ASN A 286 25.16 -15.59 11.84
CA ASN A 286 26.41 -15.36 12.56
C ASN A 286 27.13 -14.22 11.87
N GLU A 287 27.08 -14.19 10.53
CA GLU A 287 27.63 -13.07 9.78
C GLU A 287 27.02 -11.73 10.21
N GLU A 288 25.70 -11.64 10.21
CA GLU A 288 25.07 -10.38 10.53
C GLU A 288 25.39 -9.94 11.94
N ILE A 289 25.56 -10.91 12.85
CA ILE A 289 25.83 -10.57 14.23
C ILE A 289 27.23 -9.96 14.24
N GLY A 290 28.07 -10.41 13.30
CA GLY A 290 29.41 -9.92 13.18
C GLY A 290 29.37 -8.47 12.75
N MET A 291 28.43 -8.14 11.86
CA MET A 291 28.29 -6.76 11.41
C MET A 291 27.87 -5.91 12.58
N LEU A 292 27.10 -6.50 13.51
CA LEU A 292 26.49 -5.69 14.53
C LEU A 292 27.58 -5.45 15.52
N GLU A 293 28.34 -6.50 15.85
CA GLU A 293 29.41 -6.40 16.83
C GLU A 293 30.50 -5.34 16.43
N ALA A 294 30.78 -5.17 15.14
CA ALA A 294 31.79 -4.23 14.71
C ALA A 294 31.22 -2.83 14.78
N LEU A 295 29.91 -2.74 14.53
CA LEU A 295 29.28 -1.44 14.55
C LEU A 295 29.28 -0.92 15.99
N ILE A 296 29.05 -1.82 16.96
CA ILE A 296 28.96 -1.47 18.39
C ILE A 296 30.35 -0.89 18.77
N GLY A 297 31.40 -1.55 18.32
CA GLY A 297 32.78 -1.04 18.39
C GLY A 297 33.22 -0.53 19.76
N THR A 298 33.40 0.77 19.87
CA THR A 298 33.92 1.45 21.05
C THR A 298 32.91 1.42 22.20
N HIS A 299 31.69 1.07 21.87
CA HIS A 299 30.61 1.03 22.86
C HIS A 299 30.40 -0.34 23.47
N LYS A 300 31.34 -1.25 23.23
CA LYS A 300 31.32 -2.54 23.89
C LYS A 300 31.46 -2.42 25.41
N ARG A 301 30.66 -3.23 26.08
CA ARG A 301 30.56 -3.25 27.50
C ARG A 301 31.51 -4.31 28.03
N LYS A 302 31.97 -5.16 27.12
CA LYS A 302 32.77 -6.33 27.45
C LYS A 302 33.88 -6.56 26.45
N ALA A 303 34.82 -7.45 26.81
CA ALA A 303 35.67 -8.12 25.83
C ALA A 303 35.35 -9.59 25.95
N TRP A 304 35.19 -10.26 24.81
CA TRP A 304 34.95 -11.70 24.77
C TRP A 304 36.26 -12.47 24.67
N MET B 1 -11.71 -37.72 12.56
CA MET B 1 -11.26 -38.40 11.32
C MET B 1 -9.81 -38.03 11.03
N ASP B 2 -9.15 -38.74 10.13
CA ASP B 2 -7.73 -38.50 9.93
C ASP B 2 -7.48 -37.51 8.75
N PRO B 3 -6.23 -37.04 8.60
CA PRO B 3 -5.99 -35.94 7.66
C PRO B 3 -6.39 -36.22 6.20
N GLU B 4 -6.14 -37.40 5.66
CA GLU B 4 -6.58 -37.68 4.30
C GLU B 4 -8.11 -37.62 4.16
N GLN B 5 -8.82 -37.99 5.21
CA GLN B 5 -10.26 -38.03 5.16
C GLN B 5 -10.81 -36.62 5.18
N ILE B 6 -10.26 -35.76 6.04
CA ILE B 6 -10.76 -34.39 6.03
C ILE B 6 -10.38 -33.75 4.69
N LYS B 7 -9.24 -34.16 4.14
CA LYS B 7 -8.77 -33.65 2.85
C LYS B 7 -9.80 -33.97 1.73
N THR B 8 -10.27 -35.21 1.69
CA THR B 8 -11.31 -35.65 0.75
C THR B 8 -12.61 -34.88 0.93
N ALA B 9 -13.04 -34.69 2.17
CA ALA B 9 -14.22 -33.87 2.46
C ALA B 9 -14.08 -32.42 1.96
N LEU B 10 -12.95 -31.75 2.26
CA LEU B 10 -12.65 -30.42 1.73
C LEU B 10 -12.91 -30.27 0.21
N GLY B 11 -12.79 -31.37 -0.56
CA GLY B 11 -12.89 -31.32 -2.00
C GLY B 11 -14.22 -31.81 -2.56
N SER B 12 -15.16 -32.03 -1.66
CA SER B 12 -16.41 -32.65 -2.06
C SER B 12 -17.59 -31.68 -2.15
N GLY B 13 -17.42 -30.40 -1.90
CA GLY B 13 -18.53 -29.47 -2.10
C GLY B 13 -18.20 -28.09 -1.62
N LEU B 14 -19.24 -27.34 -1.28
CA LEU B 14 -19.13 -25.99 -0.78
C LEU B 14 -18.77 -25.92 0.70
N LEU B 15 -17.99 -24.92 1.13
CA LEU B 15 -17.54 -24.80 2.55
C LEU B 15 -18.22 -23.64 3.22
N SER B 16 -18.69 -23.89 4.43
CA SER B 16 -19.43 -22.88 5.14
C SER B 16 -18.75 -22.59 6.45
N PHE B 17 -18.72 -21.29 6.76
CA PHE B 17 -18.19 -20.73 7.99
C PHE B 17 -19.30 -20.05 8.85
N PRO B 18 -19.95 -20.81 9.76
CA PRO B 18 -20.99 -20.22 10.62
C PRO B 18 -20.49 -19.08 11.47
N VAL B 19 -21.27 -18.00 11.48
CA VAL B 19 -21.08 -16.94 12.43
C VAL B 19 -21.21 -17.48 13.82
N THR B 20 -20.61 -16.78 14.76
CA THR B 20 -20.70 -17.21 16.15
C THR B 20 -21.74 -16.39 16.83
N HIS B 21 -22.68 -17.06 17.49
CA HIS B 21 -23.81 -16.39 18.14
C HIS B 21 -23.49 -15.84 19.52
N PHE B 22 -23.79 -14.56 19.75
CA PHE B 22 -23.65 -13.96 21.07
C PHE B 22 -25.00 -13.48 21.61
N ASP B 23 -25.19 -13.54 22.93
CA ASP B 23 -26.37 -12.93 23.58
C ASP B 23 -26.12 -11.44 23.68
N ALA B 24 -27.09 -10.72 24.26
CA ALA B 24 -27.03 -9.27 24.38
C ALA B 24 -25.80 -8.79 25.15
N GLU B 25 -25.29 -9.65 26.03
CA GLU B 25 -24.16 -9.31 26.90
C GLU B 25 -22.84 -9.82 26.28
N GLY B 26 -22.92 -10.39 25.07
CA GLY B 26 -21.73 -10.72 24.28
C GLY B 26 -21.10 -12.08 24.53
N ARG B 27 -21.79 -12.88 25.33
CA ARG B 27 -21.38 -14.25 25.61
C ARG B 27 -21.95 -15.20 24.59
N PHE B 28 -21.22 -16.28 24.38
CA PHE B 28 -21.58 -17.28 23.39
C PHE B 28 -23.00 -17.80 23.69
N ALA B 29 -23.83 -17.81 22.66
CA ALA B 29 -25.23 -18.25 22.79
C ALA B 29 -25.38 -19.60 22.14
N ALA B 30 -25.24 -20.66 22.94
CA ALA B 30 -25.03 -21.97 22.38
C ALA B 30 -26.32 -22.56 21.76
N ASP B 31 -27.46 -22.26 22.39
CA ASP B 31 -28.75 -22.71 21.89
C ASP B 31 -29.09 -22.10 20.47
N SER B 32 -28.92 -20.81 20.32
CA SER B 32 -29.17 -20.17 19.04
C SER B 32 -28.23 -20.71 17.95
N TYR B 33 -26.99 -20.95 18.33
CA TYR B 33 -25.91 -21.41 17.45
C TYR B 33 -26.32 -22.70 16.85
N ARG B 34 -26.61 -23.66 17.71
CA ARG B 34 -26.92 -25.02 17.27
C ARG B 34 -28.12 -24.97 16.33
N GLU B 35 -29.06 -24.09 16.65
CA GLU B 35 -30.30 -23.97 15.90
C GLU B 35 -29.96 -23.59 14.46
N HIS B 36 -29.10 -22.57 14.34
CA HIS B 36 -28.64 -22.09 13.07
C HIS B 36 -27.79 -23.19 12.40
N VAL B 37 -27.00 -23.94 13.16
CA VAL B 37 -26.11 -24.90 12.50
C VAL B 37 -26.92 -26.13 12.08
N GLU B 38 -28.03 -26.39 12.77
CA GLU B 38 -28.96 -27.45 12.38
C GLU B 38 -29.70 -27.04 11.09
N TRP B 39 -30.06 -25.77 10.97
CA TRP B 39 -30.70 -25.28 9.73
C TRP B 39 -29.77 -25.34 8.54
N LEU B 40 -28.53 -24.89 8.74
CA LEU B 40 -27.51 -25.00 7.68
C LEU B 40 -27.21 -26.45 7.27
N ALA B 41 -27.43 -27.39 8.18
CA ALA B 41 -27.15 -28.81 7.95
C ALA B 41 -27.98 -29.38 6.81
N GLY B 42 -29.23 -28.94 6.78
CA GLY B 42 -30.16 -29.35 5.76
C GLY B 42 -29.73 -29.02 4.35
N TYR B 43 -28.76 -28.12 4.17
CA TYR B 43 -28.16 -27.81 2.85
C TYR B 43 -26.83 -28.56 2.49
N LYS B 44 -26.37 -29.46 3.36
CA LYS B 44 -25.33 -30.43 3.04
C LYS B 44 -23.95 -29.88 2.59
N ALA B 45 -23.53 -28.73 3.13
CA ALA B 45 -22.09 -28.36 3.09
C ALA B 45 -21.29 -29.52 3.65
N PRO B 46 -20.22 -29.97 2.95
CA PRO B 46 -19.48 -31.12 3.47
C PRO B 46 -18.53 -30.78 4.62
N VAL B 47 -18.17 -29.52 4.78
CA VAL B 47 -17.35 -29.11 5.93
C VAL B 47 -17.86 -27.81 6.53
N LEU B 48 -17.77 -27.79 7.83
CA LEU B 48 -18.19 -26.68 8.62
C LEU B 48 -16.95 -26.14 9.32
N PHE B 49 -16.59 -24.88 9.06
CA PHE B 49 -15.55 -24.22 9.83
C PHE B 49 -16.14 -23.56 11.04
N ALA B 50 -15.86 -24.16 12.21
CA ALA B 50 -16.35 -23.55 13.44
C ALA B 50 -15.29 -22.54 13.96
N ALA B 51 -15.75 -21.32 14.22
CA ALA B 51 -14.89 -20.22 14.73
C ALA B 51 -13.75 -19.93 13.79
N GLY B 52 -14.14 -19.73 12.52
CA GLY B 52 -13.26 -19.08 11.57
C GLY B 52 -13.43 -17.59 11.75
N GLY B 53 -12.94 -16.85 10.77
CA GLY B 53 -13.02 -15.40 10.76
C GLY B 53 -14.45 -14.94 10.65
N THR B 54 -15.27 -15.62 9.85
CA THR B 54 -16.70 -15.28 9.76
C THR B 54 -17.34 -15.49 11.13
N GLY B 55 -16.79 -16.44 11.89
CA GLY B 55 -17.23 -16.70 13.26
C GLY B 55 -16.42 -15.92 14.34
N GLU B 56 -15.78 -14.87 13.91
CA GLU B 56 -15.24 -13.91 14.84
C GLU B 56 -14.18 -14.57 15.74
N PHE B 57 -13.44 -15.50 15.14
CA PHE B 57 -12.26 -16.09 15.79
C PHE B 57 -11.43 -15.04 16.52
N PHE B 58 -11.12 -13.96 15.82
CA PHE B 58 -10.17 -12.94 16.32
C PHE B 58 -10.72 -12.21 17.54
N SER B 59 -11.93 -12.58 18.02
CA SER B 59 -12.53 -11.97 19.23
C SER B 59 -12.86 -13.01 20.28
N LEU B 60 -12.48 -14.23 20.02
CA LEU B 60 -12.78 -15.29 20.97
C LEU B 60 -11.63 -15.48 21.94
N LYS B 61 -12.02 -15.65 23.20
CA LYS B 61 -11.16 -16.19 24.23
C LYS B 61 -10.72 -17.58 23.83
N PRO B 62 -9.46 -17.93 24.09
CA PRO B 62 -9.02 -19.28 23.69
C PRO B 62 -9.83 -20.39 24.39
N ASP B 63 -10.20 -20.19 25.64
CA ASP B 63 -11.04 -21.19 26.29
C ASP B 63 -12.47 -21.25 25.68
N GLU B 64 -12.94 -20.22 24.95
CA GLU B 64 -14.27 -20.33 24.30
C GLU B 64 -14.24 -21.25 23.09
N ILE B 65 -13.11 -21.35 22.39
CA ILE B 65 -13.13 -22.06 21.12
CA ILE B 65 -13.07 -22.08 21.11
C ILE B 65 -13.55 -23.54 21.26
N PRO B 66 -12.95 -24.29 22.19
CA PRO B 66 -13.46 -25.68 22.22
C PRO B 66 -14.98 -25.82 22.48
N THR B 67 -15.55 -24.94 23.29
CA THR B 67 -16.99 -24.94 23.56
C THR B 67 -17.89 -24.67 22.33
N ILE B 68 -17.52 -23.65 21.55
CA ILE B 68 -18.17 -23.38 20.28
C ILE B 68 -18.05 -24.59 19.34
N VAL B 69 -16.92 -25.32 19.39
CA VAL B 69 -16.66 -26.41 18.45
C VAL B 69 -17.54 -27.58 18.80
N ALA B 70 -17.65 -27.82 20.09
CA ALA B 70 -18.41 -28.96 20.55
C ALA B 70 -19.94 -28.71 20.30
N ALA B 71 -20.40 -27.46 20.41
CA ALA B 71 -21.78 -27.09 20.05
C ALA B 71 -22.14 -27.40 18.62
N ALA B 72 -21.24 -27.03 17.73
CA ALA B 72 -21.39 -27.33 16.30
C ALA B 72 -21.50 -28.84 16.07
N LYS B 73 -20.61 -29.60 16.72
CA LYS B 73 -20.54 -31.05 16.63
C LYS B 73 -21.84 -31.81 17.04
N GLU B 74 -22.52 -31.29 18.04
CA GLU B 74 -23.81 -31.81 18.51
C GLU B 74 -24.88 -31.96 17.45
N VAL B 75 -24.85 -31.13 16.40
CA VAL B 75 -25.96 -31.05 15.44
C VAL B 75 -25.51 -31.03 14.00
N ALA B 76 -24.20 -31.03 13.82
CA ALA B 76 -23.59 -31.03 12.49
C ALA B 76 -23.88 -32.33 11.70
N GLY B 77 -24.17 -33.41 12.43
CA GLY B 77 -24.28 -34.74 11.84
C GLY B 77 -23.08 -35.24 11.04
N GLU B 78 -23.34 -35.61 9.78
CA GLU B 78 -22.30 -36.20 8.93
C GLU B 78 -21.24 -35.20 8.45
N THR B 79 -21.24 -33.98 8.99
CA THR B 79 -20.43 -32.92 8.41
C THR B 79 -19.06 -32.84 9.12
N ALA B 80 -17.97 -32.75 8.37
CA ALA B 80 -16.65 -32.58 8.99
C ALA B 80 -16.61 -31.24 9.64
N ILE B 81 -16.07 -31.18 10.87
CA ILE B 81 -15.90 -29.93 11.59
C ILE B 81 -14.41 -29.51 11.73
N VAL B 82 -14.11 -28.34 11.19
CA VAL B 82 -12.79 -27.73 11.33
C VAL B 82 -12.95 -26.52 12.21
N SER B 83 -11.97 -26.35 13.10
CA SER B 83 -11.88 -25.23 14.04
C SER B 83 -10.85 -24.19 13.61
N GLY B 84 -11.16 -22.92 13.80
CA GLY B 84 -10.17 -21.88 13.67
C GLY B 84 -9.07 -22.11 14.68
N CYS B 85 -7.88 -21.66 14.33
CA CYS B 85 -6.72 -21.63 15.21
C CYS B 85 -5.98 -20.37 14.76
N GLY B 86 -5.15 -19.83 15.63
CA GLY B 86 -4.21 -18.80 15.24
C GLY B 86 -3.44 -18.23 16.44
N TYR B 87 -3.01 -16.99 16.25
CA TYR B 87 -2.14 -16.22 17.11
C TYR B 87 -0.70 -16.77 16.99
N GLY B 88 0.22 -16.35 17.87
CA GLY B 88 1.58 -16.91 17.88
C GLY B 88 1.57 -18.38 18.32
N THR B 89 2.74 -18.98 18.29
CA THR B 89 2.89 -20.42 18.35
C THR B 89 2.40 -20.98 19.67
N GLU B 90 2.69 -20.26 20.75
CA GLU B 90 2.39 -20.79 22.05
C GLU B 90 0.90 -20.83 22.24
N ILE B 91 0.18 -19.79 21.85
CA ILE B 91 -1.28 -19.81 21.99
C ILE B 91 -1.91 -20.77 20.93
N ALA B 92 -1.41 -20.76 19.68
CA ALA B 92 -2.01 -21.56 18.61
C ALA B 92 -1.89 -23.01 18.98
N VAL B 93 -0.69 -23.41 19.44
CA VAL B 93 -0.48 -24.79 19.87
C VAL B 93 -1.46 -25.19 21.00
N ASP B 94 -1.69 -24.32 21.97
CA ASP B 94 -2.66 -24.68 23.03
C ASP B 94 -4.11 -24.75 22.50
N ILE B 95 -4.49 -23.86 21.56
CA ILE B 95 -5.84 -23.93 20.95
C ILE B 95 -5.97 -25.24 20.16
N ALA B 96 -5.00 -25.46 19.29
CA ALA B 96 -5.04 -26.65 18.45
C ALA B 96 -5.27 -27.93 19.26
N ARG B 97 -4.48 -28.16 20.32
CA ARG B 97 -4.68 -29.34 21.18
C ARG B 97 -6.04 -29.32 21.95
N SER B 98 -6.53 -28.13 22.31
CA SER B 98 -7.80 -28.03 22.99
C SER B 98 -8.95 -28.51 22.05
N VAL B 99 -8.88 -28.23 20.74
CA VAL B 99 -10.01 -28.59 19.84
C VAL B 99 -9.91 -30.00 19.27
N GLU B 100 -8.69 -30.51 19.12
CA GLU B 100 -8.48 -31.95 18.86
C GLU B 100 -9.15 -32.81 19.93
N LYS B 101 -9.01 -32.37 21.17
CA LYS B 101 -9.54 -33.09 22.31
CA LYS B 101 -9.54 -33.14 22.29
C LYS B 101 -11.07 -33.18 22.25
N VAL B 102 -11.73 -32.14 21.73
CA VAL B 102 -13.19 -32.13 21.63
C VAL B 102 -13.72 -32.60 20.29
N GLY B 103 -12.85 -33.31 19.57
CA GLY B 103 -13.22 -34.00 18.36
C GLY B 103 -13.18 -33.25 17.06
N ALA B 104 -12.68 -32.01 17.05
CA ALA B 104 -12.43 -31.33 15.77
C ALA B 104 -11.86 -32.30 14.73
N ASP B 105 -12.29 -32.16 13.48
CA ASP B 105 -11.69 -32.91 12.38
C ASP B 105 -10.50 -32.24 11.68
N GLY B 106 -10.11 -31.02 12.10
CA GLY B 106 -8.93 -30.38 11.55
C GLY B 106 -8.88 -28.97 12.08
N ILE B 107 -7.82 -28.22 11.77
CA ILE B 107 -7.79 -26.81 12.11
C ILE B 107 -7.51 -25.94 10.88
N LEU B 108 -8.08 -24.74 10.93
CA LEU B 108 -7.79 -23.69 9.97
C LEU B 108 -6.85 -22.67 10.68
N LEU B 109 -5.59 -22.62 10.23
CA LEU B 109 -4.60 -21.79 10.90
C LEU B 109 -4.55 -20.39 10.35
N LEU B 110 -5.25 -19.49 11.02
CA LEU B 110 -5.26 -18.10 10.64
C LEU B 110 -3.90 -17.46 11.04
N PRO B 111 -3.65 -16.22 10.57
CA PRO B 111 -2.32 -15.59 10.75
C PRO B 111 -1.86 -15.47 12.22
N HIS B 112 -0.54 -15.39 12.45
CA HIS B 112 0.00 -15.03 13.77
C HIS B 112 -0.36 -13.57 13.97
N TYR B 113 -0.08 -13.08 15.16
CA TYR B 113 -0.50 -11.75 15.58
C TYR B 113 0.58 -10.69 15.39
N LEU B 114 0.14 -9.57 14.82
CA LEU B 114 0.82 -8.27 14.71
C LEU B 114 1.97 -8.22 13.68
N ILE B 115 3.02 -9.01 13.84
CA ILE B 115 4.22 -8.75 13.05
C ILE B 115 4.33 -9.32 11.66
N ASP B 116 5.13 -8.59 10.88
CA ASP B 116 5.63 -9.08 9.62
C ASP B 116 6.75 -9.98 9.97
N ALA B 117 6.80 -11.11 9.29
CA ALA B 117 7.70 -12.16 9.68
C ALA B 117 8.42 -12.69 8.44
N PRO B 118 9.71 -13.07 8.57
CA PRO B 118 10.33 -13.63 7.38
C PRO B 118 9.81 -15.03 7.07
N GLN B 119 10.01 -15.53 5.85
CA GLN B 119 9.52 -16.81 5.39
C GLN B 119 10.01 -17.92 6.28
N GLU B 120 11.27 -17.80 6.75
CA GLU B 120 11.94 -18.77 7.63
C GLU B 120 11.13 -19.00 8.91
N GLY B 121 10.58 -17.90 9.40
CA GLY B 121 9.93 -17.83 10.69
C GLY B 121 8.50 -18.37 10.60
N LEU B 122 7.80 -17.99 9.54
CA LEU B 122 6.52 -18.63 9.16
C LEU B 122 6.65 -20.12 9.10
N TYR B 123 7.67 -20.59 8.38
CA TYR B 123 7.83 -22.03 8.24
C TYR B 123 7.97 -22.63 9.64
N ALA B 124 8.65 -21.91 10.55
CA ALA B 124 9.02 -22.47 11.85
C ALA B 124 7.79 -22.53 12.73
N HIS B 125 7.00 -21.46 12.65
CA HIS B 125 5.71 -21.33 13.33
C HIS B 125 4.73 -22.43 12.87
N ILE B 126 4.46 -22.49 11.57
CA ILE B 126 3.43 -23.43 11.08
C ILE B 126 3.87 -24.86 11.31
N LYS B 127 5.13 -25.18 11.04
CA LYS B 127 5.63 -26.53 11.33
C LYS B 127 5.38 -26.94 12.76
N LYS B 128 5.58 -26.05 13.70
CA LYS B 128 5.40 -26.48 15.05
C LYS B 128 3.90 -26.64 15.41
N VAL B 129 3.03 -25.80 14.89
CA VAL B 129 1.60 -25.96 15.16
C VAL B 129 1.07 -27.28 14.51
N CYS B 130 1.55 -27.59 13.31
CA CYS B 130 1.13 -28.81 12.66
C CYS B 130 1.63 -30.01 13.43
N GLN B 131 2.80 -29.89 14.04
CA GLN B 131 3.37 -31.03 14.76
C GLN B 131 2.74 -31.22 16.12
N SER B 132 1.99 -30.23 16.59
CA SER B 132 1.34 -30.35 17.89
C SER B 132 0.07 -31.21 17.92
N VAL B 133 -0.46 -31.61 16.75
CA VAL B 133 -1.73 -32.33 16.69
C VAL B 133 -1.65 -33.42 15.64
N GLY B 134 -2.51 -34.42 15.77
CA GLY B 134 -2.64 -35.43 14.74
C GLY B 134 -3.61 -35.12 13.62
N ILE B 135 -4.42 -34.07 13.77
CA ILE B 135 -5.53 -33.85 12.84
C ILE B 135 -5.06 -33.00 11.66
N GLY B 136 -5.91 -32.92 10.65
CA GLY B 136 -5.63 -32.21 9.40
C GLY B 136 -5.45 -30.71 9.64
N VAL B 137 -4.53 -30.11 8.90
CA VAL B 137 -4.30 -28.66 9.01
C VAL B 137 -4.48 -27.96 7.69
N MET B 138 -5.27 -26.89 7.69
CA MET B 138 -5.28 -26.03 6.50
C MET B 138 -4.58 -24.73 6.85
N VAL B 139 -3.60 -24.31 6.02
CA VAL B 139 -2.99 -22.98 6.18
C VAL B 139 -3.78 -21.91 5.38
N TYR B 140 -3.46 -20.66 5.65
CA TYR B 140 -4.30 -19.56 5.33
C TYR B 140 -3.44 -18.32 5.05
N ASN B 141 -3.14 -18.10 3.77
CA ASN B 141 -2.43 -16.92 3.33
C ASN B 141 -3.27 -15.68 3.36
N ARG B 142 -2.89 -14.76 4.23
CA ARG B 142 -3.47 -13.44 4.22
C ARG B 142 -2.72 -12.52 5.15
N ASP B 143 -2.90 -11.24 4.87
CA ASP B 143 -2.40 -10.14 5.70
C ASP B 143 -0.93 -10.39 6.03
N ASN B 144 -0.58 -10.70 7.28
CA ASN B 144 0.84 -10.74 7.70
C ASN B 144 1.49 -12.13 7.61
N SER B 145 0.75 -13.09 7.07
CA SER B 145 1.22 -14.45 6.89
C SER B 145 0.96 -14.92 5.44
N VAL B 146 1.94 -14.72 4.56
CA VAL B 146 1.80 -15.06 3.15
C VAL B 146 2.94 -15.99 2.80
N LEU B 147 2.59 -17.28 2.67
CA LEU B 147 3.59 -18.31 2.34
C LEU B 147 3.91 -18.19 0.86
N GLN B 148 5.21 -18.18 0.51
CA GLN B 148 5.65 -18.37 -0.88
C GLN B 148 5.59 -19.88 -1.25
N ALA B 149 5.56 -20.18 -2.55
CA ALA B 149 5.43 -21.54 -3.03
C ALA B 149 6.55 -22.41 -2.52
N ASP B 150 7.79 -21.90 -2.56
CA ASP B 150 8.93 -22.67 -2.06
C ASP B 150 8.67 -23.05 -0.60
N THR B 151 8.32 -22.06 0.22
CA THR B 151 8.13 -22.28 1.65
C THR B 151 6.99 -23.27 1.91
N LEU B 152 5.92 -23.20 1.11
CA LEU B 152 4.77 -24.10 1.35
C LEU B 152 5.17 -25.53 1.02
N ALA B 153 6.01 -25.69 -0.01
CA ALA B 153 6.51 -27.01 -0.42
C ALA B 153 7.32 -27.65 0.68
N ARG B 154 8.09 -26.83 1.42
CA ARG B 154 8.90 -27.38 2.49
C ARG B 154 8.00 -27.90 3.65
N LEU B 155 7.02 -27.08 4.06
CA LEU B 155 6.04 -27.50 5.06
C LEU B 155 5.31 -28.79 4.64
N CYS B 156 4.84 -28.87 3.39
CA CYS B 156 4.16 -30.09 2.93
C CYS B 156 5.07 -31.34 3.01
N ASP B 157 6.36 -31.21 2.68
CA ASP B 157 7.25 -32.35 2.67
C ASP B 157 7.49 -32.85 4.10
N GLU B 158 7.42 -31.95 5.07
CA GLU B 158 7.83 -32.24 6.46
C GLU B 158 6.63 -32.52 7.40
N CYS B 159 5.44 -32.18 6.90
CA CYS B 159 4.21 -32.19 7.71
C CYS B 159 3.09 -32.84 6.90
N PRO B 160 3.03 -34.17 6.94
CA PRO B 160 2.01 -34.91 6.18
C PRO B 160 0.58 -34.55 6.58
N ASN B 161 0.34 -34.10 7.80
CA ASN B 161 -1.05 -33.73 8.15
C ASN B 161 -1.46 -32.37 7.55
N LEU B 162 -0.52 -31.64 6.95
CA LEU B 162 -0.85 -30.41 6.16
C LEU B 162 -1.45 -30.77 4.82
N VAL B 163 -2.77 -30.58 4.69
CA VAL B 163 -3.52 -31.11 3.56
C VAL B 163 -4.27 -30.04 2.76
N GLY B 164 -4.40 -28.82 3.29
CA GLY B 164 -5.06 -27.76 2.53
C GLY B 164 -4.54 -26.35 2.68
N PHE B 165 -4.99 -25.49 1.74
CA PHE B 165 -4.52 -24.09 1.55
C PHE B 165 -5.67 -23.18 1.24
N LYS B 166 -5.98 -22.31 2.18
CA LYS B 166 -6.97 -21.27 1.98
C LYS B 166 -6.28 -19.96 1.60
N ASP B 167 -6.72 -19.36 0.49
CA ASP B 167 -6.28 -18.05 0.10
C ASP B 167 -7.21 -16.90 0.43
N GLY B 168 -6.68 -15.93 1.15
CA GLY B 168 -7.36 -14.65 1.31
C GLY B 168 -6.57 -13.48 0.77
N THR B 169 -5.61 -13.71 -0.12
CA THR B 169 -4.82 -12.56 -0.59
C THR B 169 -5.41 -11.89 -1.86
N GLY B 170 -6.03 -12.66 -2.74
CA GLY B 170 -6.40 -12.16 -4.06
C GLY B 170 -5.25 -12.21 -5.06
N ASP B 171 -4.13 -12.77 -4.64
CA ASP B 171 -2.92 -12.74 -5.47
C ASP B 171 -2.96 -13.92 -6.45
N ILE B 172 -3.58 -13.67 -7.59
CA ILE B 172 -3.74 -14.68 -8.63
C ILE B 172 -2.46 -15.26 -9.16
N GLY B 173 -1.48 -14.40 -9.40
CA GLY B 173 -0.19 -14.85 -9.91
C GLY B 173 0.44 -15.81 -8.91
N LEU B 174 0.24 -15.51 -7.64
CA LEU B 174 0.85 -16.31 -6.58
C LEU B 174 0.07 -17.62 -6.41
N VAL B 175 -1.26 -17.56 -6.31
CA VAL B 175 -1.95 -18.83 -6.08
C VAL B 175 -1.88 -19.78 -7.31
N ARG B 176 -1.75 -19.27 -8.52
CA ARG B 176 -1.60 -20.19 -9.65
C ARG B 176 -0.21 -20.87 -9.58
N GLN B 177 0.79 -20.15 -9.10
CA GLN B 177 2.10 -20.76 -8.94
C GLN B 177 2.08 -21.82 -7.87
N ILE B 178 1.31 -21.60 -6.82
CA ILE B 178 1.22 -22.54 -5.73
C ILE B 178 0.51 -23.85 -6.19
N THR B 179 -0.60 -23.74 -6.91
CA THR B 179 -1.28 -24.95 -7.40
C THR B 179 -0.47 -25.71 -8.48
N ALA B 180 0.18 -24.98 -9.39
CA ALA B 180 1.12 -25.63 -10.32
C ALA B 180 2.24 -26.37 -9.58
N LYS B 181 2.83 -25.73 -8.60
CA LYS B 181 3.94 -26.34 -7.87
C LYS B 181 3.55 -27.58 -7.07
N MET B 182 2.44 -27.49 -6.32
CA MET B 182 2.03 -28.53 -5.38
C MET B 182 1.09 -29.58 -5.94
N GLY B 183 0.38 -29.26 -7.01
CA GLY B 183 -0.60 -30.20 -7.59
C GLY B 183 -1.61 -30.74 -6.59
N ASP B 184 -1.93 -32.02 -6.68
CA ASP B 184 -2.91 -32.62 -5.77
C ASP B 184 -2.36 -32.88 -4.35
N ARG B 185 -1.18 -32.34 -4.02
CA ARG B 185 -0.63 -32.48 -2.66
C ARG B 185 -1.53 -31.78 -1.67
N LEU B 186 -2.21 -30.75 -2.14
CA LEU B 186 -3.13 -29.96 -1.30
C LEU B 186 -4.51 -29.72 -1.93
N MET B 187 -5.55 -29.60 -1.11
CA MET B 187 -6.85 -29.05 -1.53
C MET B 187 -6.77 -27.54 -1.48
N TYR B 188 -7.22 -26.91 -2.54
CA TYR B 188 -7.18 -25.45 -2.64
C TYR B 188 -8.55 -24.80 -2.45
N LEU B 189 -8.63 -23.96 -1.43
CA LEU B 189 -9.87 -23.31 -1.01
C LEU B 189 -9.81 -21.77 -1.20
N GLY B 190 -10.71 -21.26 -2.04
CA GLY B 190 -10.90 -19.83 -2.19
C GLY B 190 -11.41 -19.22 -0.90
N GLY B 191 -10.75 -18.20 -0.37
CA GLY B 191 -11.17 -17.68 0.91
C GLY B 191 -11.27 -16.17 1.00
N MET B 192 -11.56 -15.55 -0.13
CA MET B 192 -11.70 -14.11 -0.17
C MET B 192 -13.06 -13.78 0.43
N PRO B 193 -13.21 -12.54 0.93
CA PRO B 193 -14.51 -12.00 1.35
C PRO B 193 -15.48 -12.01 0.17
N THR B 194 -16.57 -12.78 0.28
CA THR B 194 -17.55 -12.94 -0.79
C THR B 194 -16.87 -13.62 -1.95
N ALA B 195 -16.47 -14.86 -1.73
CA ALA B 195 -15.62 -15.57 -2.64
C ALA B 195 -16.27 -15.85 -3.99
N GLU B 196 -17.61 -15.80 -4.05
CA GLU B 196 -18.30 -16.06 -5.33
C GLU B 196 -17.88 -15.04 -6.34
N LEU B 197 -17.47 -13.86 -5.87
CA LEU B 197 -16.91 -12.82 -6.74
C LEU B 197 -15.61 -13.20 -7.42
N PHE B 198 -15.01 -14.28 -6.93
CA PHE B 198 -13.71 -14.74 -7.34
C PHE B 198 -13.74 -16.18 -7.83
N ALA B 199 -14.87 -16.86 -7.66
CA ALA B 199 -14.91 -18.33 -7.84
C ALA B 199 -14.48 -18.75 -9.23
N GLU B 200 -14.92 -17.99 -10.26
CA GLU B 200 -14.70 -18.39 -11.68
C GLU B 200 -13.25 -18.19 -12.14
N ALA B 201 -12.60 -17.12 -11.67
CA ALA B 201 -11.18 -16.95 -11.93
C ALA B 201 -10.36 -18.00 -11.19
N TYR B 202 -10.84 -18.34 -9.99
CA TYR B 202 -10.08 -19.28 -9.15
C TYR B 202 -10.13 -20.75 -9.59
N LEU B 203 -11.30 -21.20 -10.05
CA LEU B 203 -11.41 -22.44 -10.84
C LEU B 203 -10.33 -22.53 -11.89
N GLY B 204 -10.30 -21.53 -12.77
CA GLY B 204 -9.20 -21.31 -13.74
C GLY B 204 -7.79 -21.45 -13.18
N ALA B 205 -7.56 -20.86 -12.01
CA ALA B 205 -6.31 -21.06 -11.25
C ALA B 205 -6.13 -22.42 -10.57
N GLY B 206 -7.14 -23.30 -10.66
CA GLY B 206 -7.14 -24.60 -9.98
C GLY B 206 -7.84 -24.77 -8.62
N PHE B 207 -8.67 -23.82 -8.23
CA PHE B 207 -9.48 -23.94 -7.00
C PHE B 207 -10.93 -24.34 -7.35
N THR B 208 -11.39 -25.52 -6.93
CA THR B 208 -12.76 -25.96 -7.29
C THR B 208 -13.77 -25.78 -6.16
N THR B 209 -13.34 -25.20 -5.03
CA THR B 209 -14.28 -24.81 -3.99
C THR B 209 -13.76 -23.57 -3.24
N TYR B 210 -14.59 -23.02 -2.34
CA TYR B 210 -14.32 -21.77 -1.65
C TYR B 210 -15.20 -21.74 -0.42
N SER B 211 -14.89 -20.83 0.49
N SER B 211 -14.93 -20.75 0.42
CA SER B 211 -15.76 -20.55 1.58
CA SER B 211 -15.74 -20.48 1.59
C SER B 211 -16.83 -19.57 1.09
C SER B 211 -16.83 -19.48 1.23
N SER B 212 -18.10 -19.88 1.36
CA SER B 212 -19.19 -18.95 1.09
C SER B 212 -19.80 -18.51 2.40
N ALA B 213 -19.40 -17.32 2.78
CA ALA B 213 -19.94 -16.67 3.94
C ALA B 213 -21.46 -16.42 3.82
N VAL B 214 -21.94 -16.05 2.63
CA VAL B 214 -23.38 -15.76 2.49
C VAL B 214 -24.27 -16.98 2.61
N PHE B 215 -23.70 -18.15 2.44
CA PHE B 215 -24.35 -19.42 2.77
C PHE B 215 -24.93 -19.41 4.18
N ASN B 216 -24.34 -18.59 5.08
CA ASN B 216 -24.88 -18.37 6.43
C ASN B 216 -26.40 -18.02 6.45
N PHE B 217 -26.84 -17.20 5.48
CA PHE B 217 -28.22 -16.67 5.48
C PHE B 217 -29.01 -16.88 4.16
N VAL B 218 -28.32 -17.08 3.02
CA VAL B 218 -28.97 -17.56 1.77
C VAL B 218 -28.27 -18.83 1.18
N PRO B 219 -28.33 -19.96 1.90
CA PRO B 219 -27.58 -21.14 1.41
C PRO B 219 -28.16 -21.71 0.11
N GLY B 220 -29.46 -21.63 -0.07
CA GLY B 220 -29.99 -22.12 -1.33
C GLY B 220 -29.48 -21.33 -2.53
N LEU B 221 -29.30 -20.02 -2.36
CA LEU B 221 -28.73 -19.21 -3.43
C LEU B 221 -27.24 -19.55 -3.64
N ALA B 222 -26.51 -19.71 -2.54
CA ALA B 222 -25.11 -20.13 -2.57
C ALA B 222 -24.94 -21.52 -3.16
N ASN B 223 -25.82 -22.47 -2.84
CA ASN B 223 -25.78 -23.81 -3.45
C ASN B 223 -26.01 -23.73 -4.99
N GLU B 224 -26.96 -22.92 -5.42
CA GLU B 224 -27.23 -22.69 -6.85
C GLU B 224 -26.03 -22.09 -7.58
N PHE B 225 -25.40 -21.06 -7.02
CA PHE B 225 -24.23 -20.44 -7.67
C PHE B 225 -23.15 -21.49 -7.79
N TYR B 226 -23.00 -22.34 -6.76
CA TYR B 226 -21.89 -23.29 -6.74
C TYR B 226 -22.12 -24.34 -7.84
N ALA B 227 -23.35 -24.80 -7.95
CA ALA B 227 -23.67 -25.88 -8.89
C ALA B 227 -23.56 -25.38 -10.32
N ALA B 228 -24.05 -24.16 -10.53
CA ALA B 228 -23.82 -23.42 -11.78
C ALA B 228 -22.33 -23.33 -12.09
N LEU B 229 -21.52 -23.01 -11.09
CA LEU B 229 -20.08 -22.89 -11.35
C LEU B 229 -19.52 -24.21 -11.89
N ARG B 230 -19.76 -25.30 -11.15
CA ARG B 230 -19.17 -26.59 -11.47
C ARG B 230 -19.77 -27.16 -12.76
N ALA B 231 -20.96 -26.73 -13.11
CA ALA B 231 -21.59 -27.16 -14.37
C ALA B 231 -21.21 -26.31 -15.60
N GLY B 232 -20.41 -25.25 -15.42
CA GLY B 232 -20.08 -24.39 -16.54
C GLY B 232 -21.23 -23.49 -16.99
N GLU B 233 -22.24 -23.33 -16.14
CA GLU B 233 -23.46 -22.60 -16.54
C GLU B 233 -23.26 -21.11 -16.32
N ARG B 234 -22.49 -20.50 -17.21
CA ARG B 234 -21.99 -19.14 -16.99
CA ARG B 234 -21.98 -19.15 -17.00
C ARG B 234 -23.05 -18.04 -16.95
N ALA B 235 -24.13 -18.14 -17.75
CA ALA B 235 -25.25 -17.14 -17.71
C ALA B 235 -25.91 -17.05 -16.34
N THR B 236 -25.98 -18.20 -15.70
CA THR B 236 -26.56 -18.35 -14.37
C THR B 236 -25.74 -17.76 -13.24
N CYS B 237 -24.44 -18.03 -13.25
CA CYS B 237 -23.50 -17.38 -12.33
C CYS B 237 -23.59 -15.86 -12.53
N GLU B 238 -23.55 -15.42 -13.78
CA GLU B 238 -23.55 -13.98 -14.09
C GLU B 238 -24.82 -13.31 -13.58
N ARG B 239 -25.97 -13.94 -13.82
N ARG B 239 -25.97 -13.93 -13.80
CA ARG B 239 -27.24 -13.45 -13.30
CA ARG B 239 -27.23 -13.38 -13.30
C ARG B 239 -27.18 -13.27 -11.77
C ARG B 239 -27.19 -13.26 -11.75
N ILE B 240 -26.76 -14.31 -11.07
CA ILE B 240 -26.71 -14.29 -9.62
C ILE B 240 -25.70 -13.24 -9.14
N LEU B 241 -24.59 -13.05 -9.84
CA LEU B 241 -23.62 -11.98 -9.50
C LEU B 241 -24.19 -10.56 -9.63
N VAL B 242 -24.91 -10.28 -10.72
CA VAL B 242 -25.43 -8.95 -10.96
C VAL B 242 -26.61 -8.66 -10.02
N ASP B 243 -27.38 -9.68 -9.71
CA ASP B 243 -28.68 -9.52 -9.03
C ASP B 243 -28.49 -9.55 -7.52
N PHE B 244 -27.53 -10.35 -7.06
CA PHE B 244 -27.29 -10.46 -5.62
C PHE B 244 -25.88 -10.06 -5.16
N PHE B 245 -24.85 -10.63 -5.75
CA PHE B 245 -23.54 -10.41 -5.12
C PHE B 245 -22.94 -8.99 -5.23
N TYR B 246 -23.01 -8.33 -6.38
CA TYR B 246 -22.53 -6.96 -6.45
C TYR B 246 -23.36 -6.06 -5.57
N PRO B 247 -24.69 -6.22 -5.57
CA PRO B 247 -25.41 -5.38 -4.63
C PRO B 247 -25.03 -5.65 -3.15
N PHE B 248 -24.83 -6.90 -2.77
CA PHE B 248 -24.29 -7.23 -1.43
C PHE B 248 -22.92 -6.60 -1.20
N MET B 249 -22.09 -6.59 -2.24
N MET B 249 -22.08 -6.54 -2.21
CA MET B 249 -20.76 -5.95 -2.20
CA MET B 249 -20.76 -5.94 -2.03
C MET B 249 -20.84 -4.50 -1.76
C MET B 249 -20.86 -4.46 -1.69
N ALA B 250 -21.82 -3.77 -2.28
CA ALA B 250 -21.94 -2.33 -2.03
C ALA B 250 -22.39 -2.06 -0.61
N ILE B 251 -23.19 -2.95 -0.03
CA ILE B 251 -23.51 -2.85 1.39
C ILE B 251 -22.24 -3.15 2.22
N ARG B 252 -21.59 -4.27 1.88
N ARG B 252 -21.57 -4.24 1.84
CA ARG B 252 -20.38 -4.69 2.58
CA ARG B 252 -20.39 -4.70 2.55
C ARG B 252 -19.31 -3.58 2.57
C ARG B 252 -19.25 -3.67 2.54
N ASN B 253 -19.11 -2.93 1.44
CA ASN B 253 -18.06 -1.93 1.31
C ASN B 253 -18.42 -0.60 1.99
N ARG B 254 -19.54 -0.51 2.70
CA ARG B 254 -19.85 0.72 3.44
C ARG B 254 -19.02 0.95 4.69
N ALA B 255 -18.52 -0.10 5.33
CA ALA B 255 -17.67 0.06 6.52
C ALA B 255 -16.67 -1.07 6.66
N LYS B 256 -15.50 -0.79 7.24
CA LYS B 256 -14.58 -1.86 7.62
C LYS B 256 -15.25 -2.91 8.52
N GLY B 257 -14.90 -4.17 8.34
CA GLY B 257 -15.41 -5.22 9.17
C GLY B 257 -16.75 -5.84 8.67
N TYR B 258 -17.44 -5.19 7.71
CA TYR B 258 -18.82 -5.60 7.26
C TYR B 258 -18.80 -6.90 6.49
N ALA B 259 -17.62 -7.38 6.16
CA ALA B 259 -17.54 -8.71 5.57
C ALA B 259 -17.96 -9.76 6.59
N VAL B 260 -17.85 -9.43 7.88
CA VAL B 260 -18.43 -10.23 8.94
C VAL B 260 -19.77 -9.63 9.40
N SER B 261 -19.81 -8.34 9.66
CA SER B 261 -21.06 -7.77 10.17
C SER B 261 -22.31 -7.84 9.23
N ALA B 262 -22.19 -7.63 7.91
CA ALA B 262 -23.34 -7.79 7.00
C ALA B 262 -23.85 -9.26 6.95
N VAL B 263 -22.94 -10.19 7.15
CA VAL B 263 -23.30 -11.62 7.10
C VAL B 263 -24.14 -12.03 8.32
N LYS B 264 -23.74 -11.53 9.50
CA LYS B 264 -24.40 -11.79 10.75
C LYS B 264 -25.73 -11.05 10.82
N ALA B 265 -25.77 -9.84 10.27
CA ALA B 265 -27.04 -9.12 10.06
C ALA B 265 -28.01 -9.95 9.20
N GLY B 266 -27.47 -10.66 8.20
CA GLY B 266 -28.25 -11.56 7.35
C GLY B 266 -28.85 -12.74 8.10
N VAL B 267 -28.04 -13.39 8.92
CA VAL B 267 -28.51 -14.42 9.84
C VAL B 267 -29.69 -13.94 10.68
N ARG B 268 -29.53 -12.78 11.32
CA ARG B 268 -30.55 -12.26 12.22
C ARG B 268 -31.83 -12.02 11.40
N LEU B 269 -31.69 -11.40 10.23
CA LEU B 269 -32.87 -11.07 9.40
C LEU B 269 -33.63 -12.34 8.98
N GLN B 270 -32.93 -13.46 8.85
CA GLN B 270 -33.59 -14.72 8.53
C GLN B 270 -34.10 -15.43 9.79
N GLY B 271 -34.15 -14.73 10.90
CA GLY B 271 -34.84 -15.24 12.06
C GLY B 271 -34.02 -16.02 13.08
N PHE B 272 -32.70 -16.01 12.95
CA PHE B 272 -31.79 -16.65 13.93
C PHE B 272 -31.20 -15.58 14.86
N ASN B 273 -31.22 -15.86 16.16
CA ASN B 273 -30.86 -14.89 17.17
C ASN B 273 -29.34 -14.86 17.32
N ALA B 274 -28.64 -14.40 16.28
CA ALA B 274 -27.16 -14.50 16.27
C ALA B 274 -26.56 -13.44 17.20
N GLY B 275 -27.31 -12.36 17.39
CA GLY B 275 -26.97 -11.29 18.30
C GLY B 275 -25.88 -10.37 17.76
N PRO B 276 -25.28 -9.53 18.63
CA PRO B 276 -24.39 -8.48 18.12
C PRO B 276 -22.98 -9.06 17.72
N VAL B 277 -22.18 -8.26 17.01
CA VAL B 277 -20.75 -8.55 16.89
C VAL B 277 -20.02 -8.14 18.18
N ARG B 278 -18.86 -8.71 18.46
CA ARG B 278 -17.99 -8.16 19.49
C ARG B 278 -17.17 -7.03 18.92
N ALA B 279 -16.90 -6.00 19.72
CA ALA B 279 -15.98 -4.95 19.30
C ALA B 279 -14.63 -5.63 19.02
N PRO B 280 -13.82 -5.07 18.12
CA PRO B 280 -14.05 -3.79 17.44
C PRO B 280 -14.79 -3.85 16.12
N LEU B 281 -15.52 -4.91 15.81
CA LEU B 281 -16.41 -4.78 14.68
C LEU B 281 -17.50 -3.85 15.20
N LYS B 282 -18.26 -3.25 14.28
CA LYS B 282 -19.57 -2.64 14.62
C LYS B 282 -20.67 -3.27 13.80
N ASP B 283 -21.88 -3.25 14.35
CA ASP B 283 -23.03 -3.79 13.65
C ASP B 283 -23.62 -2.79 12.63
N LEU B 284 -24.25 -3.30 11.59
CA LEU B 284 -24.91 -2.47 10.60
C LEU B 284 -25.93 -1.53 11.26
N THR B 285 -26.09 -0.34 10.67
CA THR B 285 -27.13 0.59 11.10
C THR B 285 -28.50 0.05 10.70
N ASN B 286 -29.53 0.71 11.20
CA ASN B 286 -30.89 0.29 10.90
C ASN B 286 -31.19 0.43 9.42
N GLU B 287 -30.73 1.54 8.83
CA GLU B 287 -30.85 1.74 7.39
C GLU B 287 -30.19 0.62 6.61
N GLU B 288 -28.97 0.30 6.98
CA GLU B 288 -28.22 -0.69 6.26
C GLU B 288 -28.86 -2.04 6.36
N ILE B 289 -29.36 -2.34 7.55
CA ILE B 289 -30.08 -3.59 7.76
C ILE B 289 -31.30 -3.60 6.81
N GLY B 290 -31.99 -2.48 6.69
CA GLY B 290 -33.12 -2.38 5.79
C GLY B 290 -32.74 -2.62 4.34
N MET B 291 -31.57 -2.14 3.94
CA MET B 291 -31.09 -2.39 2.59
C MET B 291 -30.77 -3.89 2.39
N LEU B 292 -30.33 -4.57 3.43
CA LEU B 292 -29.99 -5.97 3.29
C LEU B 292 -31.27 -6.79 3.17
N GLU B 293 -32.23 -6.46 4.03
CA GLU B 293 -33.49 -7.20 4.07
C GLU B 293 -34.17 -7.12 2.70
N ALA B 294 -34.23 -5.91 2.15
CA ALA B 294 -34.74 -5.71 0.80
C ALA B 294 -34.00 -6.56 -0.23
N LEU B 295 -32.68 -6.61 -0.13
CA LEU B 295 -31.92 -7.42 -1.08
C LEU B 295 -32.21 -8.95 -0.97
N ILE B 296 -32.38 -9.44 0.26
CA ILE B 296 -32.69 -10.84 0.53
C ILE B 296 -34.01 -11.22 -0.16
N GLY B 297 -35.01 -10.38 0.08
CA GLY B 297 -36.23 -10.30 -0.72
C GLY B 297 -36.93 -11.62 -0.92
N THR B 298 -36.92 -12.17 -2.13
CA THR B 298 -37.58 -13.46 -2.40
C THR B 298 -36.97 -14.62 -1.61
N HIS B 299 -35.74 -14.47 -1.12
CA HIS B 299 -35.09 -15.58 -0.37
C HIS B 299 -35.24 -15.52 1.13
N LYS B 300 -36.13 -14.64 1.62
CA LYS B 300 -36.58 -14.66 3.02
C LYS B 300 -37.14 -15.99 3.50
N ARG B 301 -36.74 -16.30 4.72
CA ARG B 301 -37.00 -17.55 5.43
C ARG B 301 -38.32 -17.47 6.19
N LYS B 302 -38.65 -16.27 6.64
CA LYS B 302 -39.93 -16.03 7.30
C LYS B 302 -40.51 -14.71 6.78
N ALA B 303 -41.61 -14.23 7.36
CA ALA B 303 -42.43 -13.20 6.69
C ALA B 303 -41.72 -11.85 6.45
N MET C 1 -9.46 0.72 -40.65
CA MET C 1 -10.72 -0.03 -40.47
C MET C 1 -11.58 0.73 -39.48
N ASP C 2 -12.84 0.33 -39.31
CA ASP C 2 -13.72 1.02 -38.37
C ASP C 2 -13.62 0.32 -37.01
N PRO C 3 -14.11 0.98 -35.94
CA PRO C 3 -14.02 0.43 -34.58
C PRO C 3 -14.41 -1.04 -34.49
N GLU C 4 -15.48 -1.43 -35.17
CA GLU C 4 -15.97 -2.78 -35.02
C GLU C 4 -15.06 -3.85 -35.68
N GLN C 5 -14.42 -3.52 -36.79
CA GLN C 5 -13.40 -4.39 -37.36
C GLN C 5 -12.18 -4.56 -36.45
N ILE C 6 -11.72 -3.51 -35.78
CA ILE C 6 -10.57 -3.71 -34.88
C ILE C 6 -11.02 -4.54 -33.66
N LYS C 7 -12.27 -4.35 -33.24
CA LYS C 7 -12.83 -5.08 -32.10
C LYS C 7 -12.74 -6.57 -32.37
N THR C 8 -13.26 -6.95 -33.53
CA THR C 8 -13.21 -8.32 -33.99
C THR C 8 -11.77 -8.85 -34.00
N ALA C 9 -10.83 -8.10 -34.58
CA ALA C 9 -9.45 -8.59 -34.72
C ALA C 9 -8.82 -8.76 -33.34
N LEU C 10 -9.22 -7.90 -32.41
CA LEU C 10 -8.64 -7.89 -31.09
C LEU C 10 -8.94 -9.16 -30.34
N GLY C 11 -10.14 -9.70 -30.56
CA GLY C 11 -10.54 -10.95 -29.91
C GLY C 11 -10.22 -12.22 -30.70
N SER C 12 -9.47 -12.09 -31.79
CA SER C 12 -9.34 -13.20 -32.74
C SER C 12 -8.09 -14.06 -32.50
N GLY C 13 -7.26 -13.70 -31.52
CA GLY C 13 -6.12 -14.53 -31.14
C GLY C 13 -5.19 -13.87 -30.13
N LEU C 14 -3.97 -14.41 -30.01
CA LEU C 14 -2.94 -13.82 -29.14
C LEU C 14 -2.42 -12.47 -29.62
N LEU C 15 -2.29 -11.54 -28.68
CA LEU C 15 -1.83 -10.20 -29.02
C LEU C 15 -0.39 -9.97 -28.55
N SER C 16 0.30 -9.10 -29.28
CA SER C 16 1.62 -8.69 -28.85
C SER C 16 1.94 -7.24 -29.11
N PHE C 17 3.04 -6.85 -28.46
CA PHE C 17 3.48 -5.51 -28.21
C PHE C 17 4.98 -5.44 -28.54
N PRO C 18 5.36 -5.13 -29.79
CA PRO C 18 6.80 -5.12 -30.09
C PRO C 18 7.57 -4.07 -29.28
N VAL C 19 8.74 -4.44 -28.80
CA VAL C 19 9.60 -3.43 -28.21
C VAL C 19 10.02 -2.42 -29.27
N THR C 20 10.26 -1.19 -28.86
CA THR C 20 10.70 -0.15 -29.78
C THR C 20 12.23 -0.13 -29.93
N HIS C 21 12.74 -0.26 -31.16
CA HIS C 21 14.20 -0.32 -31.35
C HIS C 21 14.85 1.08 -31.30
N PHE C 22 16.05 1.16 -30.73
CA PHE C 22 16.86 2.40 -30.70
C PHE C 22 18.27 2.11 -31.17
N ASP C 23 18.90 3.03 -31.90
CA ASP C 23 20.36 2.94 -32.09
C ASP C 23 21.06 3.44 -30.83
N ALA C 24 22.39 3.46 -30.84
CA ALA C 24 23.18 3.66 -29.62
C ALA C 24 23.07 5.08 -29.09
N GLU C 25 23.22 6.05 -29.99
CA GLU C 25 23.06 7.45 -29.64
C GLU C 25 21.66 7.72 -29.06
N GLY C 26 20.63 7.03 -29.57
CA GLY C 26 19.33 7.01 -28.91
C GLY C 26 18.07 7.12 -29.74
N ARG C 27 18.20 7.41 -31.03
CA ARG C 27 17.00 7.64 -31.83
C ARG C 27 16.39 6.34 -32.32
N PHE C 28 15.14 6.42 -32.73
CA PHE C 28 14.44 5.25 -33.22
C PHE C 28 15.11 4.66 -34.44
N ALA C 29 15.09 3.33 -34.49
CA ALA C 29 15.83 2.54 -35.46
C ALA C 29 14.85 1.78 -36.35
N ALA C 30 14.48 2.39 -37.46
CA ALA C 30 13.33 1.97 -38.27
C ALA C 30 13.57 0.68 -39.03
N ASP C 31 14.78 0.54 -39.57
N ASP C 31 14.77 0.53 -39.59
CA ASP C 31 15.13 -0.64 -40.35
CA ASP C 31 15.08 -0.67 -40.36
C ASP C 31 15.02 -1.88 -39.46
C ASP C 31 14.97 -1.87 -39.45
N SER C 32 15.71 -1.84 -38.33
CA SER C 32 15.67 -2.93 -37.35
C SER C 32 14.23 -3.24 -36.91
N TYR C 33 13.51 -2.22 -36.44
CA TYR C 33 12.11 -2.38 -36.05
C TYR C 33 11.33 -3.10 -37.11
N ARG C 34 11.53 -2.69 -38.37
CA ARG C 34 10.70 -3.23 -39.44
C ARG C 34 11.04 -4.70 -39.61
N GLU C 35 12.31 -5.05 -39.45
CA GLU C 35 12.73 -6.44 -39.66
C GLU C 35 12.26 -7.30 -38.49
N HIS C 36 12.15 -6.73 -37.28
CA HIS C 36 11.63 -7.46 -36.13
C HIS C 36 10.10 -7.65 -36.24
N VAL C 37 9.36 -6.57 -36.54
CA VAL C 37 7.89 -6.64 -36.64
C VAL C 37 7.45 -7.58 -37.74
N GLU C 38 8.28 -7.71 -38.76
CA GLU C 38 7.95 -8.56 -39.91
C GLU C 38 8.05 -10.03 -39.50
N TRP C 39 9.15 -10.37 -38.81
CA TRP C 39 9.31 -11.70 -38.22
C TRP C 39 8.16 -12.09 -37.25
N LEU C 40 7.58 -11.11 -36.56
CA LEU C 40 6.48 -11.37 -35.63
C LEU C 40 5.16 -11.66 -36.35
N ALA C 41 4.84 -10.85 -37.37
CA ALA C 41 3.62 -11.03 -38.15
C ALA C 41 3.60 -12.41 -38.79
N GLY C 42 4.80 -12.97 -38.92
CA GLY C 42 4.98 -14.30 -39.44
C GLY C 42 4.53 -15.40 -38.50
N TYR C 43 4.47 -15.09 -37.21
CA TYR C 43 3.91 -16.03 -36.22
C TYR C 43 2.42 -15.74 -35.95
N LYS C 44 1.81 -14.97 -36.85
CA LYS C 44 0.35 -14.81 -37.01
C LYS C 44 -0.45 -14.11 -35.87
N ALA C 45 0.20 -13.28 -35.06
CA ALA C 45 -0.54 -12.40 -34.15
C ALA C 45 -1.53 -11.52 -34.95
N PRO C 46 -2.84 -11.53 -34.59
CA PRO C 46 -3.86 -10.71 -35.27
C PRO C 46 -3.71 -9.19 -35.15
N VAL C 47 -3.11 -8.75 -34.04
CA VAL C 47 -3.03 -7.34 -33.70
C VAL C 47 -1.64 -7.10 -33.11
N LEU C 48 -1.15 -5.90 -33.31
CA LEU C 48 0.17 -5.54 -32.87
C LEU C 48 0.10 -4.12 -32.39
N PHE C 49 0.63 -3.89 -31.18
CA PHE C 49 0.46 -2.61 -30.53
C PHE C 49 1.81 -1.93 -30.61
N ALA C 50 1.93 -0.94 -31.49
CA ALA C 50 3.18 -0.21 -31.68
C ALA C 50 3.31 0.87 -30.62
N ALA C 51 4.52 1.04 -30.10
CA ALA C 51 4.77 1.97 -29.01
C ALA C 51 3.73 1.84 -27.89
N GLY C 52 3.62 0.66 -27.32
CA GLY C 52 2.81 0.49 -26.13
C GLY C 52 3.76 0.55 -24.96
N GLY C 53 3.28 0.06 -23.81
CA GLY C 53 4.09 -0.08 -22.61
C GLY C 53 5.39 -0.82 -22.86
N THR C 54 5.28 -2.01 -23.42
CA THR C 54 6.43 -2.84 -23.68
C THR C 54 7.29 -2.17 -24.75
N GLY C 55 6.68 -1.26 -25.51
CA GLY C 55 7.37 -0.49 -26.54
C GLY C 55 7.79 0.87 -26.03
N GLU C 56 7.91 0.97 -24.71
CA GLU C 56 8.45 2.13 -24.01
C GLU C 56 7.77 3.43 -24.38
N PHE C 57 6.46 3.39 -24.56
CA PHE C 57 5.69 4.60 -24.85
C PHE C 57 6.03 5.74 -23.89
N PHE C 58 6.07 5.41 -22.60
CA PHE C 58 6.31 6.35 -21.52
C PHE C 58 7.64 7.12 -21.69
N SER C 59 8.47 6.64 -22.61
CA SER C 59 9.74 7.28 -22.89
C SER C 59 9.81 7.89 -24.30
N LEU C 60 8.66 8.02 -24.97
CA LEU C 60 8.61 8.48 -26.37
C LEU C 60 8.06 9.91 -26.49
N LYS C 61 8.74 10.73 -27.28
CA LYS C 61 8.22 12.06 -27.65
C LYS C 61 6.94 11.91 -28.49
N PRO C 62 5.97 12.81 -28.27
CA PRO C 62 4.76 12.77 -29.11
C PRO C 62 5.05 12.57 -30.59
N ASP C 63 6.14 13.16 -31.07
CA ASP C 63 6.48 13.19 -32.50
C ASP C 63 6.93 11.85 -33.00
N GLU C 64 7.45 11.06 -32.09
CA GLU C 64 8.03 9.78 -32.46
C GLU C 64 6.95 8.75 -32.70
N ILE C 65 5.78 8.98 -32.11
CA ILE C 65 4.75 7.96 -32.09
C ILE C 65 4.32 7.58 -33.52
N PRO C 66 3.99 8.58 -34.39
CA PRO C 66 3.57 8.28 -35.76
C PRO C 66 4.62 7.59 -36.65
N THR C 67 5.89 7.90 -36.42
CA THR C 67 6.95 7.25 -37.18
C THR C 67 7.01 5.72 -36.87
N ILE C 68 6.83 5.38 -35.60
CA ILE C 68 6.89 3.98 -35.18
C ILE C 68 5.69 3.21 -35.76
N VAL C 69 4.47 3.74 -35.59
CA VAL C 69 3.27 3.15 -36.20
C VAL C 69 3.44 3.01 -37.71
N ALA C 70 3.93 4.07 -38.37
CA ALA C 70 4.22 4.01 -39.82
C ALA C 70 5.16 2.84 -40.15
N ALA C 71 6.29 2.78 -39.46
CA ALA C 71 7.24 1.69 -39.64
C ALA C 71 6.55 0.33 -39.52
N ALA C 72 5.81 0.14 -38.43
CA ALA C 72 5.07 -1.09 -38.21
C ALA C 72 4.11 -1.41 -39.36
N LYS C 73 3.33 -0.41 -39.77
CA LYS C 73 2.36 -0.55 -40.88
C LYS C 73 2.98 -1.07 -42.19
N GLU C 74 4.17 -0.60 -42.51
CA GLU C 74 4.85 -0.98 -43.74
C GLU C 74 4.98 -2.49 -43.92
N VAL C 75 5.17 -3.21 -42.81
CA VAL C 75 5.52 -4.63 -42.89
C VAL C 75 4.60 -5.52 -42.07
N ALA C 76 3.56 -4.93 -41.50
CA ALA C 76 2.61 -5.67 -40.68
C ALA C 76 1.94 -6.78 -41.49
N GLY C 77 1.31 -6.40 -42.60
CA GLY C 77 0.65 -7.35 -43.48
C GLY C 77 -0.86 -7.35 -43.27
N GLU C 78 -1.38 -8.51 -42.87
CA GLU C 78 -2.80 -8.68 -42.53
C GLU C 78 -3.01 -8.28 -41.07
N THR C 79 -1.97 -8.43 -40.27
CA THR C 79 -1.98 -7.93 -38.91
C THR C 79 -2.39 -6.44 -38.80
N ALA C 80 -3.42 -6.17 -38.01
CA ALA C 80 -3.83 -4.78 -37.68
C ALA C 80 -2.84 -4.10 -36.70
N ILE C 81 -2.79 -2.78 -36.70
CA ILE C 81 -1.85 -2.03 -35.88
C ILE C 81 -2.55 -0.98 -35.04
N VAL C 82 -2.41 -1.14 -33.73
CA VAL C 82 -2.97 -0.23 -32.75
C VAL C 82 -1.82 0.57 -32.16
N SER C 83 -1.99 1.88 -31.99
CA SER C 83 -0.94 2.77 -31.50
C SER C 83 -1.11 3.04 -30.02
N GLY C 84 -0.02 2.99 -29.26
CA GLY C 84 -0.02 3.61 -27.95
C GLY C 84 -0.51 5.05 -28.01
N CYS C 85 -1.04 5.53 -26.89
CA CYS C 85 -1.46 6.92 -26.76
C CYS C 85 -1.40 7.19 -25.26
N GLY C 86 -1.42 8.45 -24.84
CA GLY C 86 -1.28 8.72 -23.42
C GLY C 86 -1.09 10.17 -23.01
N TYR C 87 -0.50 10.31 -21.82
CA TYR C 87 -0.25 11.60 -21.19
C TYR C 87 -1.59 12.25 -20.87
N GLY C 88 -1.53 13.55 -20.51
CA GLY C 88 -2.73 14.33 -20.26
C GLY C 88 -3.63 14.46 -21.51
N THR C 89 -4.80 15.01 -21.31
CA THR C 89 -5.81 15.09 -22.37
C THR C 89 -5.33 15.79 -23.65
N GLU C 90 -4.70 16.95 -23.48
CA GLU C 90 -4.32 17.83 -24.59
C GLU C 90 -3.29 17.13 -25.48
N ILE C 91 -2.30 16.54 -24.83
CA ILE C 91 -1.26 15.84 -25.55
C ILE C 91 -1.83 14.53 -26.11
N ALA C 92 -2.71 13.86 -25.35
CA ALA C 92 -3.31 12.59 -25.78
C ALA C 92 -4.09 12.79 -27.07
N VAL C 93 -4.91 13.84 -27.09
CA VAL C 93 -5.65 14.20 -28.31
C VAL C 93 -4.68 14.38 -29.48
N ASP C 94 -3.68 15.23 -29.28
CA ASP C 94 -2.73 15.50 -30.36
C ASP C 94 -2.08 14.22 -30.85
N ILE C 95 -1.68 13.36 -29.91
CA ILE C 95 -1.11 12.08 -30.32
C ILE C 95 -2.15 11.23 -31.06
N ALA C 96 -3.39 11.22 -30.57
CA ALA C 96 -4.41 10.36 -31.15
C ALA C 96 -4.55 10.73 -32.62
N ARG C 97 -4.74 12.02 -32.86
CA ARG C 97 -4.98 12.45 -34.22
C ARG C 97 -3.81 12.17 -35.14
N SER C 98 -2.59 12.31 -34.63
CA SER C 98 -1.40 12.08 -35.43
C SER C 98 -1.27 10.62 -35.91
N VAL C 99 -1.75 9.65 -35.13
CA VAL C 99 -1.50 8.25 -35.49
C VAL C 99 -2.62 7.74 -36.35
N GLU C 100 -3.85 8.21 -36.11
CA GLU C 100 -4.96 8.02 -37.07
C GLU C 100 -4.56 8.45 -38.49
N LYS C 101 -3.88 9.61 -38.60
CA LYS C 101 -3.43 10.14 -39.90
C LYS C 101 -2.48 9.21 -40.61
N VAL C 102 -1.55 8.59 -39.89
CA VAL C 102 -0.69 7.61 -40.54
C VAL C 102 -1.31 6.20 -40.57
N GLY C 103 -2.61 6.12 -40.31
CA GLY C 103 -3.40 4.93 -40.58
C GLY C 103 -3.43 3.90 -39.45
N ALA C 104 -3.28 4.37 -38.22
CA ALA C 104 -3.44 3.48 -37.06
C ALA C 104 -4.83 2.84 -37.10
N ASP C 105 -4.89 1.54 -36.85
CA ASP C 105 -6.17 0.85 -36.83
C ASP C 105 -6.92 1.08 -35.50
N GLY C 106 -6.21 1.57 -34.51
CA GLY C 106 -6.76 1.76 -33.19
C GLY C 106 -5.81 2.48 -32.25
N ILE C 107 -6.38 2.95 -31.13
CA ILE C 107 -5.62 3.50 -30.00
C ILE C 107 -5.74 2.63 -28.73
N LEU C 108 -4.60 2.35 -28.10
CA LEU C 108 -4.51 1.92 -26.69
C LEU C 108 -4.17 3.11 -25.79
N LEU C 109 -5.15 3.60 -25.04
CA LEU C 109 -4.97 4.79 -24.20
C LEU C 109 -4.36 4.46 -22.85
N LEU C 110 -3.06 4.62 -22.73
CA LEU C 110 -2.38 4.45 -21.45
C LEU C 110 -2.84 5.52 -20.47
N PRO C 111 -2.60 5.32 -19.17
CA PRO C 111 -3.10 6.27 -18.18
C PRO C 111 -2.54 7.69 -18.40
N HIS C 112 -3.27 8.69 -17.91
CA HIS C 112 -2.76 10.04 -17.89
C HIS C 112 -1.52 10.11 -16.98
N TYR C 113 -0.93 11.29 -16.92
CA TYR C 113 0.34 11.49 -16.21
C TYR C 113 0.19 12.00 -14.77
N LEU C 114 0.89 11.31 -13.88
CA LEU C 114 1.18 11.65 -12.46
C LEU C 114 0.02 11.57 -11.46
N ILE C 115 -1.03 12.35 -11.68
CA ILE C 115 -1.99 12.60 -10.63
C ILE C 115 -2.98 11.48 -10.37
N ASP C 116 -3.55 11.48 -9.18
CA ASP C 116 -4.73 10.68 -8.94
C ASP C 116 -5.88 11.50 -9.47
N ALA C 117 -6.96 10.84 -9.85
CA ALA C 117 -8.05 11.55 -10.44
C ALA C 117 -9.34 10.91 -10.02
N PRO C 118 -10.37 11.72 -9.83
CA PRO C 118 -11.66 11.12 -9.52
C PRO C 118 -12.32 10.47 -10.76
N GLN C 119 -13.25 9.56 -10.54
CA GLN C 119 -13.87 8.83 -11.65
C GLN C 119 -14.48 9.76 -12.69
N GLU C 120 -15.09 10.85 -12.21
CA GLU C 120 -15.74 11.84 -13.09
C GLU C 120 -14.71 12.61 -13.92
N GLY C 121 -13.46 12.66 -13.44
CA GLY C 121 -12.40 13.32 -14.18
C GLY C 121 -11.86 12.39 -15.24
N LEU C 122 -11.77 11.10 -14.91
CA LEU C 122 -11.33 10.09 -15.85
C LEU C 122 -12.31 9.99 -17.01
N TYR C 123 -13.59 10.09 -16.69
CA TYR C 123 -14.66 10.09 -17.70
C TYR C 123 -14.45 11.19 -18.71
N ALA C 124 -14.23 12.42 -18.23
CA ALA C 124 -14.02 13.57 -19.11
C ALA C 124 -12.79 13.36 -19.98
N HIS C 125 -11.69 12.96 -19.36
CA HIS C 125 -10.44 12.65 -20.07
C HIS C 125 -10.64 11.70 -21.24
N ILE C 126 -11.06 10.50 -20.89
CA ILE C 126 -11.23 9.43 -21.88
C ILE C 126 -12.27 9.78 -22.96
N LYS C 127 -13.43 10.28 -22.56
CA LYS C 127 -14.39 10.86 -23.52
C LYS C 127 -13.72 11.81 -24.53
N LYS C 128 -12.95 12.78 -24.04
CA LYS C 128 -12.41 13.81 -24.92
C LYS C 128 -11.48 13.21 -25.96
N VAL C 129 -10.72 12.22 -25.55
CA VAL C 129 -9.82 11.51 -26.44
C VAL C 129 -10.59 10.63 -27.46
N CYS C 130 -11.56 9.85 -27.00
CA CYS C 130 -12.30 9.00 -27.93
C CYS C 130 -12.95 9.83 -29.04
N GLN C 131 -13.57 10.94 -28.64
CA GLN C 131 -14.29 11.82 -29.55
C GLN C 131 -13.41 12.57 -30.55
N SER C 132 -12.10 12.60 -30.34
CA SER C 132 -11.22 13.36 -31.24
C SER C 132 -10.79 12.54 -32.45
N VAL C 133 -11.13 11.25 -32.47
CA VAL C 133 -10.83 10.39 -33.63
C VAL C 133 -12.02 9.50 -33.95
N GLY C 134 -11.89 8.71 -35.01
CA GLY C 134 -12.97 7.88 -35.50
C GLY C 134 -12.58 6.42 -35.41
N ILE C 135 -11.31 6.14 -35.23
CA ILE C 135 -10.89 4.75 -35.07
C ILE C 135 -11.17 4.25 -33.65
N GLY C 136 -10.92 2.97 -33.45
CA GLY C 136 -11.35 2.34 -32.23
C GLY C 136 -10.40 2.61 -31.09
N VAL C 137 -10.98 2.71 -29.91
CA VAL C 137 -10.22 2.90 -28.68
C VAL C 137 -10.36 1.70 -27.74
N MET C 138 -9.23 1.35 -27.14
CA MET C 138 -9.12 0.41 -26.05
C MET C 138 -8.64 1.17 -24.83
N VAL C 139 -9.44 1.24 -23.77
CA VAL C 139 -8.95 1.81 -22.52
C VAL C 139 -8.15 0.76 -21.72
N TYR C 140 -7.43 1.23 -20.69
CA TYR C 140 -6.35 0.48 -20.08
C TYR C 140 -6.36 0.76 -18.59
N ASN C 141 -6.78 -0.21 -17.79
CA ASN C 141 -6.81 -0.02 -16.33
C ASN C 141 -5.45 -0.37 -15.71
N ARG C 142 -4.84 0.61 -15.03
CA ARG C 142 -3.60 0.37 -14.26
C ARG C 142 -3.19 1.64 -13.53
N ASP C 143 -2.47 1.46 -12.42
CA ASP C 143 -1.85 2.54 -11.64
C ASP C 143 -2.83 3.66 -11.29
N ASN C 144 -2.61 4.85 -11.83
CA ASN C 144 -3.33 6.03 -11.40
C ASN C 144 -4.60 6.23 -12.22
N SER C 145 -4.85 5.33 -13.17
CA SER C 145 -6.13 5.31 -13.89
C SER C 145 -6.86 3.97 -13.88
N VAL C 146 -7.82 3.83 -12.98
CA VAL C 146 -8.59 2.61 -12.85
C VAL C 146 -10.08 2.96 -12.97
N LEU C 147 -10.69 2.63 -14.11
CA LEU C 147 -12.14 2.81 -14.31
C LEU C 147 -12.95 1.77 -13.52
N GLN C 148 -13.88 2.28 -12.74
CA GLN C 148 -14.91 1.44 -12.16
C GLN C 148 -15.91 0.99 -13.24
N ALA C 149 -16.66 -0.08 -12.94
CA ALA C 149 -17.61 -0.64 -13.91
C ALA C 149 -18.61 0.39 -14.41
N ASP C 150 -19.15 1.21 -13.48
CA ASP C 150 -20.30 2.07 -13.82
C ASP C 150 -19.82 3.25 -14.66
N THR C 151 -18.64 3.75 -14.33
CA THR C 151 -17.99 4.80 -15.09
C THR C 151 -17.72 4.28 -16.49
N LEU C 152 -17.29 3.03 -16.56
CA LEU C 152 -16.89 2.45 -17.84
C LEU C 152 -18.11 2.34 -18.72
N ALA C 153 -19.19 1.81 -18.14
CA ALA C 153 -20.43 1.63 -18.88
C ALA C 153 -20.94 2.97 -19.39
N ARG C 154 -20.70 4.07 -18.64
CA ARG C 154 -21.11 5.42 -19.09
C ARG C 154 -20.34 5.87 -20.34
N LEU C 155 -19.05 5.60 -20.35
CA LEU C 155 -18.23 5.83 -21.53
C LEU C 155 -18.74 4.98 -22.71
N CYS C 156 -18.95 3.69 -22.50
CA CYS C 156 -19.37 2.84 -23.60
C CYS C 156 -20.66 3.35 -24.27
N ASP C 157 -21.58 3.86 -23.47
CA ASP C 157 -22.75 4.50 -24.02
C ASP C 157 -22.33 5.75 -24.83
N GLU C 158 -21.57 6.65 -24.20
CA GLU C 158 -21.25 7.94 -24.79
C GLU C 158 -20.42 7.89 -26.08
N CYS C 159 -19.59 6.85 -26.21
CA CYS C 159 -18.56 6.75 -27.25
C CYS C 159 -18.56 5.40 -27.96
N PRO C 160 -19.20 5.29 -29.14
CA PRO C 160 -19.34 3.94 -29.70
C PRO C 160 -18.04 3.32 -30.24
N ASN C 161 -17.01 4.13 -30.44
CA ASN C 161 -15.70 3.62 -30.91
C ASN C 161 -14.78 3.07 -29.78
N LEU C 162 -15.22 3.21 -28.53
CA LEU C 162 -14.56 2.55 -27.40
C LEU C 162 -15.01 1.11 -27.43
N VAL C 163 -14.13 0.24 -27.92
CA VAL C 163 -14.50 -1.16 -28.16
C VAL C 163 -13.71 -2.19 -27.36
N GLY C 164 -12.71 -1.74 -26.59
CA GLY C 164 -11.82 -2.64 -25.85
C GLY C 164 -11.40 -2.16 -24.46
N PHE C 165 -11.08 -3.11 -23.58
CA PHE C 165 -10.62 -2.87 -22.20
C PHE C 165 -9.37 -3.74 -22.00
N LYS C 166 -8.27 -3.13 -21.55
CA LYS C 166 -7.07 -3.90 -21.20
C LYS C 166 -6.87 -3.79 -19.69
N ASP C 167 -6.67 -4.90 -18.98
CA ASP C 167 -6.32 -4.82 -17.56
C ASP C 167 -4.85 -4.94 -17.35
N GLY C 168 -4.29 -4.03 -16.55
CA GLY C 168 -3.01 -4.27 -15.89
C GLY C 168 -2.99 -4.09 -14.37
N THR C 169 -4.13 -4.22 -13.69
CA THR C 169 -4.20 -4.11 -12.24
C THR C 169 -4.11 -5.45 -11.50
N GLY C 170 -4.43 -6.55 -12.18
CA GLY C 170 -4.59 -7.84 -11.56
C GLY C 170 -5.69 -7.86 -10.51
N ASP C 171 -6.58 -6.88 -10.53
CA ASP C 171 -7.68 -6.88 -9.56
C ASP C 171 -8.74 -7.81 -10.14
N ILE C 172 -8.65 -9.10 -9.80
CA ILE C 172 -9.50 -10.10 -10.40
C ILE C 172 -10.97 -9.84 -10.00
N GLY C 173 -11.23 -9.26 -8.83
CA GLY C 173 -12.60 -8.99 -8.44
C GLY C 173 -13.27 -7.92 -9.32
N LEU C 174 -12.58 -6.82 -9.50
CA LEU C 174 -13.02 -5.71 -10.36
C LEU C 174 -13.21 -6.12 -11.81
N VAL C 175 -12.30 -6.88 -12.39
CA VAL C 175 -12.46 -7.19 -13.79
C VAL C 175 -13.57 -8.23 -14.07
N ARG C 176 -13.84 -9.14 -13.13
CA ARG C 176 -15.04 -10.00 -13.32
C ARG C 176 -16.34 -9.16 -13.27
N GLN C 177 -16.42 -8.21 -12.35
CA GLN C 177 -17.53 -7.27 -12.35
C GLN C 177 -17.64 -6.49 -13.70
N ILE C 178 -16.51 -6.06 -14.26
CA ILE C 178 -16.54 -5.33 -15.53
C ILE C 178 -17.06 -6.23 -16.69
N THR C 179 -16.53 -7.43 -16.83
CA THR C 179 -17.07 -8.32 -17.86
C THR C 179 -18.54 -8.67 -17.62
N ALA C 180 -18.88 -8.96 -16.36
CA ALA C 180 -20.25 -9.34 -16.01
C ALA C 180 -21.22 -8.23 -16.36
N LYS C 181 -20.79 -6.99 -16.19
CA LYS C 181 -21.64 -5.87 -16.51
C LYS C 181 -21.71 -5.66 -18.02
N MET C 182 -20.58 -5.32 -18.64
CA MET C 182 -20.55 -4.83 -20.03
C MET C 182 -20.88 -5.92 -21.05
N GLY C 183 -20.57 -7.17 -20.73
CA GLY C 183 -20.80 -8.25 -21.67
C GLY C 183 -20.13 -8.00 -23.00
N ASP C 184 -20.86 -8.24 -24.10
CA ASP C 184 -20.25 -8.22 -25.42
C ASP C 184 -20.02 -6.80 -25.94
N ARG C 185 -20.35 -5.78 -25.15
CA ARG C 185 -20.14 -4.42 -25.61
C ARG C 185 -18.63 -4.13 -25.79
N LEU C 186 -17.82 -4.91 -25.08
CA LEU C 186 -16.38 -4.82 -25.09
C LEU C 186 -15.69 -6.16 -25.27
N MET C 187 -14.53 -6.06 -25.88
CA MET C 187 -13.50 -7.06 -25.89
C MET C 187 -12.54 -6.81 -24.73
N TYR C 188 -12.21 -7.88 -24.00
CA TYR C 188 -11.42 -7.82 -22.76
C TYR C 188 -10.04 -8.44 -22.94
N LEU C 189 -9.01 -7.64 -22.69
CA LEU C 189 -7.62 -8.04 -22.98
C LEU C 189 -6.79 -8.17 -21.73
N GLY C 190 -6.19 -9.35 -21.56
CA GLY C 190 -5.34 -9.57 -20.41
C GLY C 190 -4.06 -8.77 -20.61
N GLY C 191 -3.75 -7.88 -19.68
CA GLY C 191 -2.56 -7.05 -19.81
C GLY C 191 -1.54 -6.94 -18.70
N MET C 192 -1.47 -7.90 -17.78
N MET C 192 -1.53 -7.89 -17.76
CA MET C 192 -0.29 -8.00 -16.90
CA MET C 192 -0.55 -7.91 -16.67
C MET C 192 1.01 -8.15 -17.73
C MET C 192 0.84 -8.35 -17.14
N PRO C 193 2.12 -7.51 -17.29
N PRO C 193 1.90 -7.89 -16.45
CA PRO C 193 3.37 -7.53 -18.08
CA PRO C 193 3.27 -8.34 -16.73
C PRO C 193 3.80 -8.94 -18.50
C PRO C 193 3.45 -9.84 -16.70
N THR C 194 3.60 -9.94 -17.64
N THR C 194 3.89 -10.41 -17.83
CA THR C 194 3.83 -11.33 -17.97
CA THR C 194 3.94 -11.85 -18.03
C THR C 194 2.50 -12.12 -17.78
C THR C 194 2.52 -12.42 -17.87
N ALA C 195 1.62 -12.06 -18.80
CA ALA C 195 0.21 -12.34 -18.61
C ALA C 195 -0.09 -13.83 -18.61
N GLU C 196 0.83 -14.63 -19.14
CA GLU C 196 0.65 -16.08 -19.11
C GLU C 196 0.47 -16.59 -17.69
N LEU C 197 1.09 -15.94 -16.71
CA LEU C 197 0.85 -16.26 -15.32
C LEU C 197 -0.61 -16.04 -14.87
N PHE C 198 -1.40 -15.26 -15.61
CA PHE C 198 -2.77 -14.85 -15.21
C PHE C 198 -3.81 -15.30 -16.20
N ALA C 199 -3.37 -15.88 -17.32
CA ALA C 199 -4.26 -16.15 -18.44
C ALA C 199 -5.38 -17.15 -18.10
N GLU C 200 -5.07 -18.24 -17.41
CA GLU C 200 -6.14 -19.19 -17.06
C GLU C 200 -7.22 -18.56 -16.13
N ALA C 201 -6.80 -17.71 -15.19
CA ALA C 201 -7.77 -17.08 -14.31
C ALA C 201 -8.48 -15.97 -15.04
N TYR C 202 -7.78 -15.30 -15.98
CA TYR C 202 -8.40 -14.21 -16.74
C TYR C 202 -9.57 -14.75 -17.59
N LEU C 203 -9.39 -15.95 -18.13
CA LEU C 203 -10.40 -16.53 -19.00
C LEU C 203 -11.59 -17.00 -18.16
N GLY C 204 -11.32 -17.51 -16.95
CA GLY C 204 -12.36 -17.77 -15.97
C GLY C 204 -13.16 -16.51 -15.72
N ALA C 205 -12.47 -15.37 -15.64
CA ALA C 205 -13.16 -14.08 -15.45
C ALA C 205 -13.86 -13.54 -16.71
N GLY C 206 -13.80 -14.28 -17.82
CA GLY C 206 -14.52 -13.88 -19.02
C GLY C 206 -13.70 -13.14 -20.06
N PHE C 207 -12.37 -13.26 -20.06
CA PHE C 207 -11.53 -12.37 -20.89
C PHE C 207 -11.36 -12.94 -22.27
N THR C 208 -11.59 -12.08 -23.26
CA THR C 208 -11.55 -12.50 -24.64
C THR C 208 -10.20 -13.17 -24.97
N THR C 209 -9.10 -12.49 -24.64
CA THR C 209 -7.74 -12.93 -24.99
C THR C 209 -6.76 -12.20 -24.04
N TYR C 210 -5.46 -12.36 -24.24
CA TYR C 210 -4.47 -11.59 -23.49
C TYR C 210 -3.27 -11.23 -24.39
N SER C 211 -2.36 -10.38 -23.89
CA SER C 211 -1.15 -10.02 -24.62
C SER C 211 0.09 -10.70 -24.06
N SER C 212 0.97 -11.18 -24.94
CA SER C 212 2.22 -11.87 -24.55
C SER C 212 3.46 -11.06 -24.88
N ALA C 213 4.01 -10.38 -23.88
CA ALA C 213 5.29 -9.67 -24.03
C ALA C 213 6.39 -10.57 -24.54
N VAL C 214 6.49 -11.79 -24.00
CA VAL C 214 7.61 -12.68 -24.35
C VAL C 214 7.50 -13.16 -25.78
N PHE C 215 6.31 -13.03 -26.37
CA PHE C 215 6.11 -13.27 -27.82
C PHE C 215 7.15 -12.53 -28.67
N ASN C 216 7.59 -11.38 -28.17
CA ASN C 216 8.68 -10.61 -28.78
C ASN C 216 9.92 -11.42 -29.18
N PHE C 217 10.29 -12.39 -28.35
CA PHE C 217 11.50 -13.19 -28.58
C PHE C 217 11.29 -14.72 -28.62
N VAL C 218 10.27 -15.24 -27.94
CA VAL C 218 9.92 -16.65 -28.13
C VAL C 218 8.49 -16.84 -28.63
N PRO C 219 8.20 -16.30 -29.82
CA PRO C 219 6.81 -16.36 -30.32
C PRO C 219 6.25 -17.77 -30.48
N GLY C 220 7.12 -18.74 -30.79
CA GLY C 220 6.69 -20.11 -30.96
C GLY C 220 6.21 -20.70 -29.64
N LEU C 221 7.00 -20.54 -28.57
CA LEU C 221 6.54 -20.93 -27.23
C LEU C 221 5.28 -20.15 -26.76
N ALA C 222 5.18 -18.87 -27.08
CA ALA C 222 4.01 -18.10 -26.67
C ALA C 222 2.80 -18.73 -27.34
N ASN C 223 2.98 -19.00 -28.62
CA ASN C 223 1.89 -19.58 -29.40
C ASN C 223 1.56 -20.97 -28.85
N GLU C 224 2.56 -21.75 -28.45
CA GLU C 224 2.30 -23.08 -27.87
C GLU C 224 1.37 -22.96 -26.65
N PHE C 225 1.75 -22.11 -25.70
CA PHE C 225 0.98 -21.94 -24.50
C PHE C 225 -0.45 -21.57 -24.84
N TYR C 226 -0.59 -20.72 -25.84
CA TYR C 226 -1.81 -20.06 -26.11
C TYR C 226 -2.82 -21.06 -26.63
N ALA C 227 -2.35 -21.99 -27.48
CA ALA C 227 -3.24 -22.96 -28.12
C ALA C 227 -3.70 -24.03 -27.08
N ALA C 228 -2.77 -24.51 -26.25
CA ALA C 228 -3.07 -25.38 -25.11
C ALA C 228 -4.08 -24.73 -24.16
N LEU C 229 -3.97 -23.43 -23.99
CA LEU C 229 -4.91 -22.72 -23.15
C LEU C 229 -6.31 -22.79 -23.76
N ARG C 230 -6.41 -22.54 -25.06
CA ARG C 230 -7.71 -22.45 -25.73
C ARG C 230 -8.32 -23.82 -25.90
N ALA C 231 -7.48 -24.84 -26.02
CA ALA C 231 -7.95 -26.21 -26.17
C ALA C 231 -8.09 -26.96 -24.83
N GLY C 232 -7.72 -26.34 -23.71
CA GLY C 232 -7.94 -26.92 -22.39
C GLY C 232 -6.89 -27.90 -21.90
N GLU C 233 -5.71 -27.84 -22.51
CA GLU C 233 -4.65 -28.73 -22.12
C GLU C 233 -3.93 -28.16 -20.92
N ARG C 234 -4.56 -28.30 -19.75
CA ARG C 234 -4.02 -27.73 -18.52
C ARG C 234 -2.58 -28.22 -18.22
N ALA C 235 -2.28 -29.47 -18.51
CA ALA C 235 -0.95 -30.01 -18.15
C ALA C 235 0.20 -29.41 -18.99
N THR C 236 -0.02 -29.22 -20.29
CA THR C 236 0.95 -28.53 -21.14
C THR C 236 1.16 -27.05 -20.71
N CYS C 237 0.07 -26.37 -20.39
CA CYS C 237 0.14 -25.00 -19.89
C CYS C 237 1.01 -24.97 -18.67
N GLU C 238 0.84 -26.01 -17.87
CA GLU C 238 1.47 -26.07 -16.57
C GLU C 238 2.97 -26.34 -16.68
N ARG C 239 3.35 -27.19 -17.63
CA ARG C 239 4.76 -27.48 -17.90
C ARG C 239 5.50 -26.21 -18.37
N ILE C 240 4.87 -25.46 -19.27
CA ILE C 240 5.46 -24.23 -19.84
C ILE C 240 5.54 -23.16 -18.75
N LEU C 241 4.49 -23.01 -17.92
CA LEU C 241 4.60 -22.17 -16.71
C LEU C 241 5.83 -22.50 -15.84
N VAL C 242 5.99 -23.78 -15.47
CA VAL C 242 7.05 -24.21 -14.53
C VAL C 242 8.50 -24.15 -15.09
N ASP C 243 8.62 -24.47 -16.36
CA ASP C 243 9.92 -24.59 -16.99
C ASP C 243 10.39 -23.25 -17.54
N PHE C 244 9.47 -22.42 -18.03
CA PHE C 244 9.85 -21.13 -18.64
C PHE C 244 9.35 -19.90 -17.87
N PHE C 245 8.04 -19.76 -17.68
CA PHE C 245 7.55 -18.50 -17.19
C PHE C 245 7.96 -18.18 -15.75
N TYR C 246 7.92 -19.13 -14.79
CA TYR C 246 8.33 -18.79 -13.40
C TYR C 246 9.84 -18.52 -13.28
N PRO C 247 10.68 -19.28 -13.99
CA PRO C 247 12.09 -18.85 -14.17
C PRO C 247 12.24 -17.49 -14.85
N PHE C 248 11.48 -17.18 -15.90
CA PHE C 248 11.52 -15.79 -16.39
C PHE C 248 11.13 -14.77 -15.30
N MET C 249 10.11 -15.04 -14.51
N MET C 249 10.09 -15.09 -14.54
CA MET C 249 9.73 -14.10 -13.49
CA MET C 249 9.61 -14.27 -13.43
C MET C 249 10.81 -13.89 -12.43
C MET C 249 10.75 -13.95 -12.44
N ALA C 250 11.61 -14.93 -12.16
CA ALA C 250 12.69 -14.76 -11.15
C ALA C 250 13.80 -13.81 -11.67
N ILE C 251 14.07 -13.86 -12.98
CA ILE C 251 14.93 -12.85 -13.65
C ILE C 251 14.25 -11.43 -13.62
N ARG C 252 12.98 -11.36 -13.95
CA ARG C 252 12.31 -10.06 -14.02
C ARG C 252 12.20 -9.36 -12.68
N ASN C 253 11.93 -10.14 -11.64
CA ASN C 253 11.77 -9.57 -10.30
C ASN C 253 13.10 -9.11 -9.69
N ARG C 254 14.22 -9.32 -10.37
CA ARG C 254 15.50 -8.86 -9.82
C ARG C 254 15.59 -7.34 -9.78
N ALA C 255 14.93 -6.68 -10.73
CA ALA C 255 14.91 -5.21 -10.72
C ALA C 255 13.62 -4.61 -11.30
N LYS C 256 13.32 -3.42 -10.81
CA LYS C 256 12.30 -2.59 -11.40
C LYS C 256 12.55 -2.30 -12.88
N GLY C 257 11.46 -2.35 -13.62
CA GLY C 257 11.40 -2.04 -15.02
C GLY C 257 11.69 -3.25 -15.91
N TYR C 258 12.10 -4.36 -15.30
CA TYR C 258 12.63 -5.48 -16.07
C TYR C 258 11.53 -6.19 -16.82
N ALA C 259 10.28 -5.87 -16.49
CA ALA C 259 9.17 -6.33 -17.33
C ALA C 259 9.37 -5.89 -18.80
N VAL C 260 10.04 -4.77 -18.98
CA VAL C 260 10.42 -4.31 -20.31
C VAL C 260 11.87 -4.72 -20.61
N SER C 261 12.82 -4.40 -19.72
CA SER C 261 14.23 -4.61 -20.03
C SER C 261 14.54 -6.06 -20.36
N ALA C 262 13.87 -7.02 -19.72
CA ALA C 262 14.26 -8.40 -19.97
C ALA C 262 13.62 -8.91 -21.24
N VAL C 263 12.43 -8.42 -21.57
CA VAL C 263 11.86 -8.74 -22.87
C VAL C 263 12.83 -8.21 -23.94
N LYS C 264 13.20 -6.93 -23.86
CA LYS C 264 14.10 -6.32 -24.85
C LYS C 264 15.39 -7.14 -24.98
N ALA C 265 16.04 -7.47 -23.86
CA ALA C 265 17.23 -8.31 -23.89
C ALA C 265 16.94 -9.63 -24.61
N GLY C 266 15.73 -10.14 -24.42
CA GLY C 266 15.32 -11.38 -25.07
C GLY C 266 15.39 -11.27 -26.59
N VAL C 267 15.06 -10.08 -27.08
CA VAL C 267 14.95 -9.77 -28.49
C VAL C 267 16.32 -9.64 -29.17
N ARG C 268 17.26 -9.06 -28.44
CA ARG C 268 18.63 -8.92 -28.87
C ARG C 268 19.29 -10.27 -29.00
N LEU C 269 19.11 -11.10 -27.98
CA LEU C 269 19.63 -12.47 -27.97
C LEU C 269 19.19 -13.28 -29.19
N GLN C 270 18.02 -12.98 -29.77
CA GLN C 270 17.55 -13.69 -30.96
C GLN C 270 17.95 -13.04 -32.31
N GLY C 271 18.83 -12.04 -32.25
CA GLY C 271 19.52 -11.52 -33.44
C GLY C 271 18.89 -10.29 -34.06
N PHE C 272 18.09 -9.57 -33.25
CA PHE C 272 17.54 -8.30 -33.68
C PHE C 272 18.14 -7.19 -32.87
N ASN C 273 18.68 -6.21 -33.59
CA ASN C 273 19.43 -5.11 -33.03
C ASN C 273 18.46 -4.12 -32.40
N ALA C 274 17.85 -4.53 -31.28
CA ALA C 274 16.85 -3.69 -30.63
C ALA C 274 17.48 -2.52 -29.87
N GLY C 275 18.77 -2.63 -29.57
CA GLY C 275 19.48 -1.59 -28.88
C GLY C 275 19.02 -1.50 -27.41
N PRO C 276 19.41 -0.43 -26.70
CA PRO C 276 19.12 -0.36 -25.27
C PRO C 276 17.72 0.17 -24.95
N VAL C 277 17.36 0.07 -23.67
CA VAL C 277 16.28 0.87 -23.11
C VAL C 277 16.75 2.29 -22.83
N ARG C 278 15.80 3.21 -22.90
CA ARG C 278 16.01 4.58 -22.56
C ARG C 278 15.83 4.73 -21.08
N ALA C 279 16.60 5.61 -20.47
CA ALA C 279 16.37 5.98 -19.08
C ALA C 279 14.90 6.36 -18.86
N PRO C 280 14.37 6.15 -17.63
CA PRO C 280 15.09 5.57 -16.49
C PRO C 280 14.96 4.08 -16.30
N LEU C 281 14.61 3.32 -17.34
CA LEU C 281 14.83 1.89 -17.30
C LEU C 281 16.34 1.65 -17.28
N LYS C 282 16.77 0.44 -16.90
CA LYS C 282 18.13 0.00 -17.13
C LYS C 282 18.15 -1.37 -17.78
N ASP C 283 19.19 -1.65 -18.56
CA ASP C 283 19.35 -2.91 -19.23
C ASP C 283 19.79 -3.99 -18.25
N LEU C 284 19.52 -5.26 -18.58
CA LEU C 284 20.03 -6.37 -17.77
C LEU C 284 21.57 -6.37 -17.71
N THR C 285 22.13 -6.79 -16.59
CA THR C 285 23.58 -7.02 -16.49
C THR C 285 23.97 -8.16 -17.41
N ASN C 286 25.27 -8.44 -17.47
CA ASN C 286 25.73 -9.46 -18.39
C ASN C 286 25.37 -10.83 -17.85
N GLU C 287 25.52 -10.96 -16.54
CA GLU C 287 25.01 -12.10 -15.81
C GLU C 287 23.53 -12.41 -16.17
N GLU C 288 22.62 -11.48 -15.87
CA GLU C 288 21.19 -11.64 -16.17
C GLU C 288 20.88 -11.99 -17.63
N ILE C 289 21.64 -11.41 -18.56
CA ILE C 289 21.45 -11.70 -19.99
C ILE C 289 21.74 -13.17 -20.26
N GLY C 290 22.75 -13.70 -19.56
CA GLY C 290 23.13 -15.09 -19.69
C GLY C 290 22.13 -16.02 -19.04
N MET C 291 21.61 -15.63 -17.88
CA MET C 291 20.47 -16.34 -17.28
C MET C 291 19.41 -16.49 -18.33
N LEU C 292 18.99 -15.37 -18.92
CA LEU C 292 17.91 -15.39 -19.96
C LEU C 292 18.29 -16.21 -21.19
N GLU C 293 19.57 -16.12 -21.56
CA GLU C 293 20.07 -16.87 -22.70
C GLU C 293 19.96 -18.36 -22.41
N ALA C 294 20.39 -18.75 -21.20
CA ALA C 294 20.25 -20.15 -20.78
C ALA C 294 18.77 -20.56 -20.81
N LEU C 295 17.88 -19.71 -20.32
CA LEU C 295 16.46 -20.09 -20.26
C LEU C 295 15.84 -20.24 -21.66
N ILE C 296 16.09 -19.29 -22.56
CA ILE C 296 15.62 -19.46 -23.95
C ILE C 296 16.09 -20.80 -24.56
N GLY C 297 17.37 -21.10 -24.41
CA GLY C 297 17.96 -22.36 -24.88
C GLY C 297 17.47 -22.91 -26.20
N THR C 298 16.61 -23.92 -26.13
CA THR C 298 16.10 -24.66 -27.31
C THR C 298 15.33 -23.78 -28.31
N HIS C 299 14.81 -22.64 -27.86
CA HIS C 299 14.06 -21.72 -28.73
C HIS C 299 14.97 -20.68 -29.42
N LYS C 300 16.27 -20.82 -29.19
CA LYS C 300 17.24 -19.86 -29.69
C LYS C 300 17.19 -19.82 -31.20
N ARG C 301 16.99 -18.62 -31.78
CA ARG C 301 17.00 -18.49 -33.24
C ARG C 301 18.42 -18.44 -33.81
N MET D 1 19.23 34.11 -13.40
CA MET D 1 20.35 34.10 -12.41
C MET D 1 21.14 32.80 -12.45
N ASP D 2 22.27 32.76 -11.76
CA ASP D 2 23.08 31.55 -11.69
C ASP D 2 22.47 30.56 -10.65
N PRO D 3 22.94 29.31 -10.66
CA PRO D 3 22.35 28.32 -9.75
C PRO D 3 22.50 28.65 -8.25
N GLU D 4 23.63 29.19 -7.83
CA GLU D 4 23.82 29.56 -6.42
C GLU D 4 22.89 30.71 -6.01
N GLN D 5 22.44 31.49 -6.98
CA GLN D 5 21.58 32.62 -6.69
C GLN D 5 20.14 32.18 -6.46
N ILE D 6 19.62 31.28 -7.30
CA ILE D 6 18.26 30.78 -7.05
C ILE D 6 18.26 29.87 -5.77
N LYS D 7 19.28 29.04 -5.59
CA LYS D 7 19.48 28.35 -4.29
C LYS D 7 19.26 29.29 -3.11
N THR D 8 20.00 30.40 -3.12
CA THR D 8 19.92 31.38 -2.05
C THR D 8 18.50 31.87 -1.85
N ALA D 9 17.89 32.30 -2.95
CA ALA D 9 16.55 32.84 -2.95
C ALA D 9 15.52 31.81 -2.43
N LEU D 10 15.73 30.55 -2.79
CA LEU D 10 14.83 29.48 -2.40
C LEU D 10 14.69 29.30 -0.88
N GLY D 11 15.78 29.48 -0.14
CA GLY D 11 15.73 29.34 1.30
C GLY D 11 15.57 30.64 2.09
N SER D 12 15.11 31.69 1.42
CA SER D 12 15.04 33.02 2.02
C SER D 12 13.62 33.46 2.33
N GLY D 13 12.65 32.58 2.13
CA GLY D 13 11.27 32.94 2.38
C GLY D 13 10.33 31.81 2.06
N LEU D 14 9.04 32.13 2.00
CA LEU D 14 7.96 31.16 1.81
C LEU D 14 7.62 31.07 0.34
N LEU D 15 7.59 29.87 -0.22
CA LEU D 15 7.39 29.72 -1.67
C LEU D 15 5.95 29.39 -1.99
N SER D 16 5.54 29.67 -3.22
CA SER D 16 4.25 29.16 -3.65
C SER D 16 4.15 28.99 -5.16
N PHE D 17 3.05 28.36 -5.52
CA PHE D 17 2.90 27.74 -6.82
C PHE D 17 1.58 28.24 -7.36
N PRO D 18 1.63 29.28 -8.20
CA PRO D 18 0.35 29.83 -8.64
C PRO D 18 -0.40 28.88 -9.58
N VAL D 19 -1.68 28.65 -9.30
CA VAL D 19 -2.56 27.98 -10.26
C VAL D 19 -2.50 28.64 -11.63
N THR D 20 -2.65 27.82 -12.65
CA THR D 20 -2.76 28.29 -14.03
C THR D 20 -4.21 28.60 -14.37
N HIS D 21 -4.43 29.83 -14.82
CA HIS D 21 -5.74 30.25 -15.28
C HIS D 21 -5.94 29.71 -16.68
N PHE D 22 -7.09 29.07 -16.91
CA PHE D 22 -7.55 28.77 -18.27
C PHE D 22 -8.86 29.52 -18.51
N ASP D 23 -9.09 29.98 -19.73
CA ASP D 23 -10.44 30.45 -20.06
C ASP D 23 -11.36 29.22 -20.23
N ALA D 24 -12.67 29.42 -20.30
CA ALA D 24 -13.63 28.30 -20.28
C ALA D 24 -13.53 27.38 -21.49
N GLU D 25 -12.99 27.89 -22.60
CA GLU D 25 -12.82 27.08 -23.80
C GLU D 25 -11.58 26.18 -23.66
N GLY D 26 -10.73 26.48 -22.69
CA GLY D 26 -9.66 25.58 -22.26
C GLY D 26 -8.25 26.12 -22.42
N ARG D 27 -8.12 27.35 -22.90
CA ARG D 27 -6.80 27.88 -23.26
C ARG D 27 -6.23 28.75 -22.12
N PHE D 28 -4.90 28.85 -22.09
CA PHE D 28 -4.21 29.74 -21.12
C PHE D 28 -4.58 31.21 -21.18
N ALA D 29 -5.13 31.71 -20.08
CA ALA D 29 -5.63 33.08 -20.00
C ALA D 29 -4.63 34.02 -19.29
N ALA D 30 -3.61 34.43 -20.04
CA ALA D 30 -2.45 35.19 -19.53
C ALA D 30 -2.79 36.54 -18.88
N ASP D 31 -3.89 37.13 -19.27
CA ASP D 31 -4.33 38.36 -18.63
C ASP D 31 -4.59 38.11 -17.17
N SER D 32 -5.49 37.17 -16.87
CA SER D 32 -5.85 36.86 -15.49
C SER D 32 -4.66 36.28 -14.74
N TYR D 33 -3.74 35.62 -15.45
CA TYR D 33 -2.58 35.02 -14.83
C TYR D 33 -1.76 36.11 -14.20
N ARG D 34 -1.53 37.15 -14.98
CA ARG D 34 -0.69 38.26 -14.54
C ARG D 34 -1.38 39.06 -13.42
N GLU D 35 -2.68 39.29 -13.57
CA GLU D 35 -3.45 39.95 -12.52
C GLU D 35 -3.53 39.14 -11.22
N HIS D 36 -3.40 37.83 -11.32
CA HIS D 36 -3.44 36.99 -10.11
C HIS D 36 -2.07 36.97 -9.50
N VAL D 37 -1.08 36.89 -10.36
CA VAL D 37 0.28 36.75 -9.93
C VAL D 37 0.76 38.07 -9.36
N GLU D 38 0.30 39.17 -9.95
CA GLU D 38 0.72 40.50 -9.51
C GLU D 38 0.31 40.70 -8.05
N TRP D 39 -0.88 40.23 -7.72
CA TRP D 39 -1.41 40.33 -6.37
C TRP D 39 -0.59 39.52 -5.37
N LEU D 40 -0.04 38.39 -5.81
CA LEU D 40 0.67 37.49 -4.91
C LEU D 40 2.10 37.99 -4.66
N ALA D 41 2.64 38.79 -5.58
CA ALA D 41 3.98 39.32 -5.40
C ALA D 41 4.00 40.33 -4.25
N GLY D 42 2.91 41.06 -4.09
CA GLY D 42 2.77 42.01 -3.01
C GLY D 42 2.81 41.41 -1.62
N TYR D 43 2.67 40.08 -1.55
CA TYR D 43 2.83 39.34 -0.30
C TYR D 43 4.22 38.69 -0.18
N LYS D 44 5.11 39.03 -1.11
CA LYS D 44 6.56 39.01 -0.87
C LYS D 44 7.22 37.63 -0.80
N ALA D 45 6.55 36.62 -1.35
CA ALA D 45 7.21 35.33 -1.53
C ALA D 45 8.41 35.55 -2.47
N PRO D 46 9.61 35.03 -2.14
CA PRO D 46 10.84 35.31 -2.90
C PRO D 46 11.07 34.49 -4.18
N VAL D 47 10.55 33.27 -4.21
CA VAL D 47 10.62 32.43 -5.39
C VAL D 47 9.23 32.02 -5.76
N LEU D 48 8.99 31.87 -7.06
CA LEU D 48 7.66 31.54 -7.50
C LEU D 48 7.73 30.45 -8.53
N PHE D 49 6.93 29.41 -8.33
CA PHE D 49 6.99 28.24 -9.19
C PHE D 49 5.85 28.29 -10.20
N ALA D 50 6.18 28.70 -11.43
CA ALA D 50 5.20 28.78 -12.52
C ALA D 50 5.06 27.42 -13.21
N ALA D 51 3.82 26.99 -13.39
CA ALA D 51 3.55 25.71 -14.03
C ALA D 51 4.19 24.53 -13.27
N GLY D 52 3.87 24.43 -11.98
CA GLY D 52 4.22 23.25 -11.23
C GLY D 52 2.94 22.48 -11.01
N GLY D 53 2.97 21.50 -10.12
CA GLY D 53 1.80 20.68 -9.85
C GLY D 53 0.57 21.48 -9.51
N THR D 54 0.68 22.38 -8.54
CA THR D 54 -0.45 23.23 -8.19
C THR D 54 -0.88 24.01 -9.43
N GLY D 55 0.06 24.30 -10.33
CA GLY D 55 -0.23 24.95 -11.60
C GLY D 55 -0.47 23.97 -12.74
N GLU D 56 -0.90 22.76 -12.40
CA GLU D 56 -1.35 21.75 -13.37
C GLU D 56 -0.35 21.45 -14.47
N PHE D 57 0.94 21.37 -14.14
CA PHE D 57 1.98 20.96 -15.10
C PHE D 57 1.59 19.69 -15.83
N PHE D 58 0.94 18.80 -15.10
CA PHE D 58 0.61 17.47 -15.64
C PHE D 58 -0.47 17.50 -16.74
N SER D 59 -1.20 18.63 -16.82
CA SER D 59 -2.26 18.79 -17.81
C SER D 59 -1.84 19.80 -18.90
N LEU D 60 -0.61 20.29 -18.82
CA LEU D 60 -0.16 21.29 -19.78
C LEU D 60 0.48 20.63 -20.99
N LYS D 61 0.32 21.24 -22.17
CA LYS D 61 1.14 20.92 -23.34
C LYS D 61 2.56 21.48 -23.15
N PRO D 62 3.61 20.78 -23.66
CA PRO D 62 4.98 21.27 -23.53
C PRO D 62 5.21 22.68 -24.12
N ASP D 63 4.41 23.08 -25.10
CA ASP D 63 4.44 24.42 -25.67
C ASP D 63 3.81 25.51 -24.79
N GLU D 64 2.87 25.14 -23.95
CA GLU D 64 2.20 26.15 -23.16
C GLU D 64 3.09 26.63 -22.00
N ILE D 65 4.13 25.88 -21.67
CA ILE D 65 4.87 26.15 -20.44
C ILE D 65 5.78 27.39 -20.54
N PRO D 66 6.54 27.53 -21.65
CA PRO D 66 7.32 28.77 -21.71
C PRO D 66 6.42 30.01 -21.70
N THR D 67 5.33 29.95 -22.44
CA THR D 67 4.32 31.00 -22.48
C THR D 67 3.84 31.38 -21.08
N ILE D 68 3.61 30.37 -20.25
CA ILE D 68 3.12 30.60 -18.90
C ILE D 68 4.24 31.21 -18.07
N VAL D 69 5.45 30.74 -18.30
CA VAL D 69 6.59 31.20 -17.50
C VAL D 69 6.91 32.65 -17.85
N ALA D 70 6.82 32.97 -19.14
CA ALA D 70 6.94 34.37 -19.61
C ALA D 70 5.82 35.23 -19.04
N ALA D 71 4.58 34.77 -19.16
CA ALA D 71 3.50 35.51 -18.55
C ALA D 71 3.81 35.78 -17.06
N ALA D 72 4.52 34.85 -16.42
CA ALA D 72 4.83 35.02 -14.99
C ALA D 72 5.92 36.04 -14.77
N LYS D 73 7.01 35.89 -15.51
CA LYS D 73 8.18 36.74 -15.36
C LYS D 73 7.88 38.26 -15.58
N GLU D 74 6.90 38.58 -16.41
CA GLU D 74 6.59 39.97 -16.73
C GLU D 74 6.16 40.78 -15.50
N VAL D 75 5.25 40.24 -14.69
CA VAL D 75 4.71 40.97 -13.55
C VAL D 75 5.25 40.45 -12.22
N ALA D 76 6.36 39.73 -12.27
CA ALA D 76 6.88 39.06 -11.11
C ALA D 76 7.62 40.02 -10.18
N GLY D 77 8.24 41.03 -10.79
CA GLY D 77 9.08 41.97 -10.07
C GLY D 77 10.51 41.47 -9.98
N GLU D 78 11.05 41.48 -8.76
CA GLU D 78 12.37 40.90 -8.47
C GLU D 78 12.20 39.50 -7.87
N THR D 79 10.95 39.13 -7.64
CA THR D 79 10.58 37.76 -7.32
C THR D 79 11.10 36.72 -8.33
N ALA D 80 11.79 35.69 -7.84
CA ALA D 80 12.44 34.73 -8.74
C ALA D 80 11.42 33.78 -9.37
N ILE D 81 11.77 33.18 -10.51
CA ILE D 81 10.80 32.38 -11.26
C ILE D 81 11.33 31.01 -11.61
N VAL D 82 10.69 29.98 -11.07
CA VAL D 82 11.07 28.60 -11.37
C VAL D 82 9.96 27.92 -12.16
N SER D 83 10.38 27.23 -13.23
CA SER D 83 9.46 26.52 -14.09
C SER D 83 9.37 25.04 -13.74
N GLY D 84 8.18 24.48 -13.87
CA GLY D 84 8.00 23.05 -13.90
C GLY D 84 8.78 22.43 -15.03
N CYS D 85 9.06 21.14 -14.90
CA CYS D 85 9.65 20.34 -15.95
C CYS D 85 9.26 18.89 -15.63
N GLY D 86 9.42 17.95 -16.56
CA GLY D 86 9.06 16.56 -16.26
C GLY D 86 8.87 15.62 -17.42
N TYR D 87 8.09 14.56 -17.21
CA TYR D 87 7.85 13.47 -18.18
C TYR D 87 9.16 12.73 -18.41
N GLY D 88 9.21 11.91 -19.46
CA GLY D 88 10.44 11.19 -19.82
C GLY D 88 11.65 12.09 -20.02
N THR D 89 12.83 11.47 -20.13
CA THR D 89 14.05 12.20 -20.29
C THR D 89 13.95 13.10 -21.52
N GLU D 90 13.46 12.55 -22.62
CA GLU D 90 13.57 13.22 -23.90
C GLU D 90 12.70 14.47 -23.90
N ILE D 91 11.44 14.34 -23.49
CA ILE D 91 10.56 15.50 -23.37
C ILE D 91 11.06 16.49 -22.33
N ALA D 92 11.75 15.97 -21.32
CA ALA D 92 12.16 16.77 -20.18
C ALA D 92 13.23 17.78 -20.55
N VAL D 93 14.21 17.35 -21.33
CA VAL D 93 15.24 18.29 -21.76
C VAL D 93 14.58 19.35 -22.64
N ASP D 94 13.76 18.92 -23.61
CA ASP D 94 13.09 19.87 -24.51
C ASP D 94 12.40 20.93 -23.69
N ILE D 95 11.60 20.51 -22.72
CA ILE D 95 11.00 21.49 -21.82
C ILE D 95 12.00 22.35 -21.01
N ALA D 96 13.09 21.75 -20.53
CA ALA D 96 14.02 22.48 -19.67
C ALA D 96 14.64 23.64 -20.45
N ARG D 97 15.15 23.30 -21.63
CA ARG D 97 15.75 24.24 -22.56
C ARG D 97 14.79 25.34 -22.98
N SER D 98 13.65 24.96 -23.51
CA SER D 98 12.65 25.93 -23.90
C SER D 98 12.35 26.97 -22.79
N VAL D 99 12.49 26.61 -21.52
CA VAL D 99 12.09 27.56 -20.47
C VAL D 99 13.28 28.37 -19.99
N GLU D 100 14.49 27.84 -20.20
CA GLU D 100 15.71 28.60 -19.94
C GLU D 100 15.80 29.76 -20.92
N LYS D 101 15.41 29.52 -22.18
CA LYS D 101 15.58 30.53 -23.21
C LYS D 101 14.57 31.68 -23.05
N VAL D 102 13.66 31.57 -22.08
CA VAL D 102 12.77 32.69 -21.77
C VAL D 102 12.92 33.21 -20.33
N GLY D 103 14.07 32.92 -19.73
CA GLY D 103 14.52 33.62 -18.53
C GLY D 103 14.32 32.91 -17.23
N ALA D 104 13.77 31.69 -17.29
CA ALA D 104 13.53 30.92 -16.09
C ALA D 104 14.77 30.89 -15.21
N ASP D 105 14.59 31.19 -13.93
CA ASP D 105 15.71 31.18 -13.02
C ASP D 105 16.11 29.76 -12.61
N GLY D 106 15.20 28.80 -12.82
CA GLY D 106 15.51 27.42 -12.49
C GLY D 106 14.37 26.49 -12.84
N ILE D 107 14.55 25.22 -12.50
CA ILE D 107 13.54 24.23 -12.85
C ILE D 107 13.24 23.16 -11.77
N LEU D 108 11.96 22.91 -11.59
CA LEU D 108 11.51 21.85 -10.69
C LEU D 108 11.20 20.64 -11.51
N LEU D 109 11.99 19.60 -11.32
CA LEU D 109 11.90 18.41 -12.16
C LEU D 109 10.95 17.41 -11.54
N LEU D 110 9.69 17.50 -11.95
CA LEU D 110 8.66 16.60 -11.52
C LEU D 110 9.00 15.21 -12.03
N PRO D 111 8.42 14.16 -11.43
CA PRO D 111 8.71 12.77 -11.84
C PRO D 111 8.51 12.45 -13.33
N HIS D 112 9.20 11.42 -13.76
CA HIS D 112 9.05 10.87 -15.09
C HIS D 112 7.68 10.19 -15.17
N TYR D 113 7.36 9.68 -16.35
CA TYR D 113 6.00 9.23 -16.62
C TYR D 113 5.82 7.73 -16.37
N LEU D 114 4.79 7.43 -15.59
CA LEU D 114 4.21 6.08 -15.42
C LEU D 114 5.01 5.01 -14.63
N ILE D 115 6.20 4.69 -15.08
CA ILE D 115 6.89 3.48 -14.67
C ILE D 115 7.58 3.61 -13.35
N ASP D 116 7.75 2.48 -12.68
CA ASP D 116 8.70 2.34 -11.60
C ASP D 116 10.06 2.14 -12.24
N ALA D 117 11.09 2.71 -11.63
CA ALA D 117 12.43 2.58 -12.17
C ALA D 117 13.49 2.34 -11.09
N PRO D 118 14.60 1.69 -11.47
CA PRO D 118 15.74 1.44 -10.58
C PRO D 118 16.53 2.71 -10.29
N GLN D 119 17.17 2.76 -9.13
CA GLN D 119 17.86 3.98 -8.71
C GLN D 119 18.80 4.47 -9.79
N GLU D 120 19.55 3.53 -10.37
CA GLU D 120 20.56 3.82 -11.39
C GLU D 120 19.89 4.48 -12.59
N GLY D 121 18.67 4.03 -12.87
CA GLY D 121 17.85 4.59 -13.94
C GLY D 121 17.38 6.00 -13.62
N LEU D 122 16.90 6.20 -12.40
CA LEU D 122 16.52 7.54 -11.98
C LEU D 122 17.72 8.47 -12.07
N TYR D 123 18.89 7.93 -11.75
CA TYR D 123 20.15 8.70 -11.81
C TYR D 123 20.50 9.15 -13.24
N ALA D 124 20.39 8.23 -14.22
CA ALA D 124 20.76 8.54 -15.60
C ALA D 124 19.80 9.59 -16.16
N HIS D 125 18.53 9.49 -15.77
CA HIS D 125 17.47 10.41 -16.21
C HIS D 125 17.68 11.83 -15.71
N ILE D 126 17.78 11.97 -14.40
CA ILE D 126 18.01 13.27 -13.75
C ILE D 126 19.35 13.90 -14.13
N LYS D 127 20.40 13.09 -14.26
CA LYS D 127 21.71 13.58 -14.67
C LYS D 127 21.67 14.26 -16.04
N LYS D 128 21.20 13.53 -17.04
CA LYS D 128 21.08 14.06 -18.39
C LYS D 128 20.26 15.36 -18.42
N VAL D 129 19.19 15.40 -17.64
CA VAL D 129 18.34 16.59 -17.61
C VAL D 129 19.04 17.79 -16.96
N CYS D 130 19.85 17.54 -15.93
CA CYS D 130 20.59 18.61 -15.29
C CYS D 130 21.65 19.18 -16.24
N GLN D 131 22.18 18.31 -17.10
CA GLN D 131 23.25 18.69 -18.02
C GLN D 131 22.77 19.36 -19.32
N SER D 132 21.47 19.29 -19.60
CA SER D 132 20.91 19.97 -20.76
C SER D 132 20.80 21.50 -20.60
N VAL D 133 20.86 22.00 -19.36
CA VAL D 133 20.75 23.42 -19.05
C VAL D 133 21.86 23.89 -18.08
N GLY D 134 21.79 25.17 -17.71
CA GLY D 134 22.80 25.81 -16.89
C GLY D 134 22.17 26.51 -15.72
N ILE D 135 20.86 26.69 -15.77
CA ILE D 135 20.13 27.18 -14.61
C ILE D 135 19.99 26.09 -13.54
N GLY D 136 19.50 26.51 -12.39
CA GLY D 136 19.50 25.68 -11.20
C GLY D 136 18.40 24.66 -11.27
N VAL D 137 18.67 23.48 -10.72
CA VAL D 137 17.68 22.41 -10.69
C VAL D 137 17.38 21.93 -9.28
N MET D 138 16.09 21.72 -9.01
N MET D 138 16.09 21.72 -9.03
CA MET D 138 15.66 21.13 -7.76
CA MET D 138 15.65 21.14 -7.77
C MET D 138 14.86 19.86 -8.06
C MET D 138 14.88 19.86 -8.10
N VAL D 139 15.28 18.76 -7.43
CA VAL D 139 14.67 17.46 -7.69
C VAL D 139 13.43 17.35 -6.83
N TYR D 140 12.59 16.37 -7.16
CA TYR D 140 11.29 16.28 -6.53
C TYR D 140 10.92 14.82 -6.21
N ASN D 141 10.99 14.47 -4.93
CA ASN D 141 10.77 13.09 -4.47
C ASN D 141 9.26 12.88 -4.29
N ARG D 142 8.65 12.08 -5.18
CA ARG D 142 7.24 11.69 -5.05
C ARG D 142 6.87 10.57 -6.03
N ASP D 143 5.85 9.82 -5.65
CA ASP D 143 5.28 8.72 -6.47
C ASP D 143 6.36 7.76 -7.02
N ASN D 144 6.55 7.78 -8.32
CA ASN D 144 7.43 6.78 -8.95
C ASN D 144 8.88 7.25 -9.09
N SER D 145 9.19 8.40 -8.49
CA SER D 145 10.55 8.92 -8.45
C SER D 145 10.97 9.38 -7.06
N VAL D 146 11.61 8.44 -6.38
CA VAL D 146 12.05 8.56 -5.01
C VAL D 146 13.50 8.20 -4.96
N LEU D 147 14.31 9.23 -4.80
CA LEU D 147 15.76 9.12 -4.68
C LEU D 147 16.15 8.79 -3.24
N GLN D 148 16.97 7.77 -3.11
CA GLN D 148 17.62 7.46 -1.84
C GLN D 148 18.80 8.40 -1.66
N ALA D 149 19.29 8.53 -0.43
CA ALA D 149 20.32 9.50 -0.10
C ALA D 149 21.61 9.26 -0.88
N ASP D 150 22.02 8.00 -1.02
CA ASP D 150 23.28 7.70 -1.73
C ASP D 150 23.19 8.08 -3.21
N THR D 151 22.02 7.90 -3.81
CA THR D 151 21.83 8.22 -5.21
C THR D 151 21.85 9.72 -5.41
N LEU D 152 21.18 10.41 -4.50
CA LEU D 152 21.09 11.83 -4.56
C LEU D 152 22.47 12.46 -4.37
N ALA D 153 23.30 11.89 -3.50
CA ALA D 153 24.68 12.37 -3.28
C ALA D 153 25.47 12.29 -4.57
N ARG D 154 25.36 11.14 -5.23
CA ARG D 154 26.01 10.94 -6.52
C ARG D 154 25.62 12.03 -7.53
N LEU D 155 24.33 12.37 -7.62
CA LEU D 155 23.86 13.36 -8.60
C LEU D 155 24.41 14.75 -8.23
N CYS D 156 24.57 14.99 -6.93
CA CYS D 156 25.11 16.26 -6.49
C CYS D 156 26.59 16.45 -6.81
N ASP D 157 27.35 15.37 -6.83
CA ASP D 157 28.77 15.42 -7.14
C ASP D 157 29.03 15.37 -8.64
N GLU D 158 27.97 15.21 -9.43
CA GLU D 158 28.10 15.20 -10.88
CA GLU D 158 28.06 15.18 -10.88
C GLU D 158 27.49 16.46 -11.50
N CYS D 159 26.53 17.08 -10.83
CA CYS D 159 25.80 18.19 -11.44
C CYS D 159 25.76 19.40 -10.50
N PRO D 160 26.70 20.34 -10.70
CA PRO D 160 26.80 21.44 -9.73
C PRO D 160 25.55 22.33 -9.69
N ASN D 161 24.77 22.35 -10.77
CA ASN D 161 23.58 23.19 -10.83
C ASN D 161 22.35 22.60 -10.14
N LEU D 162 22.47 21.37 -9.64
CA LEU D 162 21.40 20.74 -8.85
C LEU D 162 21.56 21.20 -7.42
N VAL D 163 20.63 22.05 -6.98
CA VAL D 163 20.81 22.78 -5.71
C VAL D 163 19.64 22.74 -4.71
N GLY D 164 18.48 22.25 -5.13
CA GLY D 164 17.31 22.15 -4.25
C GLY D 164 16.75 20.74 -4.17
N PHE D 165 15.94 20.50 -3.15
CA PHE D 165 15.29 19.19 -2.97
C PHE D 165 13.89 19.37 -2.41
N LYS D 166 12.87 19.07 -3.22
CA LYS D 166 11.49 19.13 -2.78
C LYS D 166 11.01 17.72 -2.40
N ASP D 167 10.42 17.58 -1.21
CA ASP D 167 9.81 16.31 -0.81
C ASP D 167 8.32 16.34 -1.02
N GLY D 168 7.81 15.36 -1.75
CA GLY D 168 6.37 15.07 -1.73
C GLY D 168 5.94 13.72 -1.13
N THR D 169 6.85 13.03 -0.43
CA THR D 169 6.62 11.64 0.03
C THR D 169 5.98 11.54 1.39
N GLY D 170 6.24 12.52 2.26
CA GLY D 170 5.92 12.39 3.68
C GLY D 170 6.75 11.36 4.45
N ASP D 171 7.78 10.80 3.83
CA ASP D 171 8.68 9.86 4.50
C ASP D 171 9.75 10.64 5.35
N ILE D 172 9.47 10.88 6.64
CA ILE D 172 10.40 11.50 7.61
C ILE D 172 11.77 10.86 7.71
N GLY D 173 11.78 9.53 7.88
CA GLY D 173 12.99 8.75 7.99
C GLY D 173 13.91 9.07 6.83
N LEU D 174 13.36 8.98 5.63
CA LEU D 174 14.18 9.25 4.45
C LEU D 174 14.66 10.70 4.37
N VAL D 175 13.78 11.68 4.53
CA VAL D 175 14.24 13.04 4.29
C VAL D 175 15.16 13.55 5.41
N ARG D 176 15.07 12.97 6.60
CA ARG D 176 16.04 13.30 7.65
C ARG D 176 17.44 12.75 7.31
N GLN D 177 17.47 11.58 6.67
CA GLN D 177 18.72 10.97 6.24
C GLN D 177 19.34 11.74 5.07
N ILE D 178 18.49 12.31 4.24
CA ILE D 178 18.95 13.11 3.12
C ILE D 178 19.58 14.41 3.65
N THR D 179 18.90 15.10 4.56
CA THR D 179 19.45 16.35 5.08
C THR D 179 20.68 16.12 6.00
N ALA D 180 20.78 14.96 6.62
CA ALA D 180 21.93 14.67 7.47
C ALA D 180 23.12 14.40 6.59
N LYS D 181 22.91 13.60 5.55
CA LYS D 181 24.01 13.27 4.66
C LYS D 181 24.44 14.47 3.81
N MET D 182 23.49 15.22 3.27
CA MET D 182 23.85 16.22 2.27
C MET D 182 24.26 17.55 2.88
N GLY D 183 23.79 17.86 4.08
CA GLY D 183 24.15 19.12 4.70
C GLY D 183 23.71 20.28 3.83
N ASP D 184 24.44 21.40 3.90
CA ASP D 184 24.03 22.62 3.20
C ASP D 184 24.39 22.62 1.70
N ARG D 185 24.83 21.47 1.18
CA ARG D 185 24.91 21.26 -0.26
C ARG D 185 23.55 21.46 -1.01
N LEU D 186 22.45 21.31 -0.29
CA LEU D 186 21.12 21.39 -0.87
C LEU D 186 20.22 22.23 -0.02
N MET D 187 19.30 22.94 -0.68
N MET D 187 19.31 22.96 -0.67
CA MET D 187 18.21 23.62 0.00
CA MET D 187 18.25 23.59 0.05
C MET D 187 16.98 22.71 -0.04
C MET D 187 17.11 22.59 0.03
N TYR D 188 16.38 22.47 1.13
CA TYR D 188 15.34 21.46 1.27
C TYR D 188 13.98 22.14 1.43
N LEU D 189 13.09 21.82 0.48
N LEU D 189 13.12 21.86 0.44
CA LEU D 189 11.79 22.46 0.39
CA LEU D 189 11.75 22.39 0.39
C LEU D 189 10.69 21.45 0.74
C LEU D 189 10.75 21.36 0.82
N GLY D 190 9.89 21.73 1.77
CA GLY D 190 8.84 20.83 2.22
C GLY D 190 7.71 20.95 1.21
N GLY D 191 7.18 19.84 0.72
CA GLY D 191 6.38 19.84 -0.49
C GLY D 191 5.11 19.02 -0.52
N MET D 192 4.59 18.65 0.64
CA MET D 192 3.36 17.93 0.74
C MET D 192 2.19 18.83 0.34
N PRO D 193 1.06 18.23 -0.07
CA PRO D 193 -0.16 19.03 -0.21
C PRO D 193 -0.50 19.66 1.12
N THR D 194 -0.77 20.96 1.12
CA THR D 194 -1.00 21.69 2.35
C THR D 194 0.15 21.44 3.32
N ALA D 195 1.34 21.84 2.91
CA ALA D 195 2.58 21.60 3.65
C ALA D 195 2.63 22.18 5.07
N GLU D 196 1.65 23.01 5.44
CA GLU D 196 1.61 23.65 6.77
C GLU D 196 1.41 22.62 7.88
N LEU D 197 0.52 21.68 7.61
CA LEU D 197 0.30 20.53 8.43
C LEU D 197 1.61 19.81 8.80
N PHE D 198 2.60 19.95 7.92
CA PHE D 198 3.87 19.24 8.00
C PHE D 198 5.05 20.14 8.38
N ALA D 199 4.87 21.45 8.46
CA ALA D 199 6.03 22.39 8.45
C ALA D 199 6.83 22.31 9.75
N GLU D 200 6.12 22.22 10.87
CA GLU D 200 6.75 22.19 12.17
C GLU D 200 7.62 20.95 12.30
N ALA D 201 7.18 19.84 11.70
CA ALA D 201 7.97 18.61 11.71
C ALA D 201 9.16 18.68 10.74
N TYR D 202 8.95 19.29 9.57
CA TYR D 202 10.00 19.35 8.55
C TYR D 202 11.13 20.31 8.98
N LEU D 203 10.84 21.26 9.86
CA LEU D 203 11.93 22.11 10.40
C LEU D 203 12.86 21.29 11.27
N GLY D 204 12.27 20.43 12.08
CA GLY D 204 13.02 19.55 12.98
C GLY D 204 13.86 18.60 12.17
N ALA D 205 13.35 18.22 10.99
CA ALA D 205 14.04 17.34 10.06
C ALA D 205 15.09 18.08 9.21
N GLY D 206 15.23 19.39 9.42
CA GLY D 206 16.28 20.14 8.73
C GLY D 206 15.83 20.89 7.47
N PHE D 207 14.54 21.19 7.31
CA PHE D 207 14.08 21.85 6.09
C PHE D 207 14.02 23.37 6.18
N THR D 208 14.79 23.99 5.29
CA THR D 208 14.87 25.44 5.17
C THR D 208 13.49 26.11 5.17
N THR D 209 12.64 25.70 4.25
CA THR D 209 11.31 26.28 4.07
C THR D 209 10.31 25.21 3.55
N TYR D 210 9.13 25.66 3.14
CA TYR D 210 8.14 24.84 2.46
C TYR D 210 7.35 25.70 1.46
N SER D 211 6.56 25.04 0.62
CA SER D 211 5.65 25.74 -0.29
C SER D 211 4.25 25.76 0.28
N SER D 212 3.57 26.92 0.16
CA SER D 212 2.16 27.05 0.55
C SER D 212 1.25 27.20 -0.65
N ALA D 213 0.36 26.22 -0.83
CA ALA D 213 -0.53 26.27 -1.96
C ALA D 213 -1.61 27.31 -1.69
N VAL D 214 -2.01 27.45 -0.44
CA VAL D 214 -3.12 28.33 -0.09
C VAL D 214 -2.71 29.80 -0.14
N PHE D 215 -1.42 30.03 -0.30
CA PHE D 215 -0.91 31.36 -0.57
C PHE D 215 -1.70 31.97 -1.72
N ASN D 216 -1.99 31.14 -2.71
CA ASN D 216 -2.87 31.48 -3.82
C ASN D 216 -4.09 32.33 -3.47
N PHE D 217 -4.80 31.99 -2.40
CA PHE D 217 -6.05 32.67 -2.08
C PHE D 217 -6.12 33.24 -0.66
N VAL D 218 -5.25 32.80 0.25
CA VAL D 218 -5.19 33.40 1.58
C VAL D 218 -3.72 33.64 2.01
N PRO D 219 -2.96 34.42 1.22
CA PRO D 219 -1.55 34.72 1.45
C PRO D 219 -1.29 35.56 2.70
N GLY D 220 -2.36 36.08 3.30
CA GLY D 220 -2.24 36.73 4.58
C GLY D 220 -2.01 35.67 5.63
N LEU D 221 -2.85 34.65 5.62
CA LEU D 221 -2.79 33.57 6.61
C LEU D 221 -1.47 32.80 6.47
N ALA D 222 -1.06 32.53 5.23
CA ALA D 222 0.22 31.87 4.93
C ALA D 222 1.47 32.56 5.52
N ASN D 223 1.49 33.89 5.49
CA ASN D 223 2.61 34.66 6.05
C ASN D 223 2.47 34.77 7.56
N GLU D 224 1.23 34.81 8.04
CA GLU D 224 1.01 34.82 9.47
C GLU D 224 1.50 33.49 10.04
N PHE D 225 1.20 32.38 9.36
CA PHE D 225 1.63 31.06 9.82
C PHE D 225 3.13 30.89 9.69
N TYR D 226 3.67 31.23 8.53
CA TYR D 226 5.10 31.09 8.31
C TYR D 226 5.90 31.91 9.31
N ALA D 227 5.39 33.10 9.65
CA ALA D 227 6.08 34.01 10.56
C ALA D 227 6.12 33.44 11.97
N ALA D 228 4.97 32.97 12.45
CA ALA D 228 4.89 32.35 13.76
C ALA D 228 5.77 31.14 13.85
N LEU D 229 5.71 30.27 12.82
CA LEU D 229 6.60 29.12 12.72
C LEU D 229 8.09 29.50 12.94
N ARG D 230 8.55 30.58 12.35
CA ARG D 230 9.97 30.94 12.41
C ARG D 230 10.30 31.55 13.77
N ALA D 231 9.39 32.33 14.32
CA ALA D 231 9.63 32.96 15.62
C ALA D 231 9.43 31.99 16.78
N GLY D 232 8.98 30.79 16.46
CA GLY D 232 8.74 29.80 17.48
C GLY D 232 7.50 29.97 18.28
N GLU D 233 6.55 30.71 17.72
CA GLU D 233 5.28 30.90 18.40
C GLU D 233 4.33 29.74 18.06
N ARG D 234 4.37 28.69 18.88
CA ARG D 234 3.67 27.45 18.57
C ARG D 234 2.16 27.61 18.70
N ALA D 235 1.74 28.35 19.72
CA ALA D 235 0.33 28.56 20.01
C ALA D 235 -0.39 29.27 18.86
N THR D 236 0.34 30.09 18.10
CA THR D 236 -0.23 30.80 16.95
C THR D 236 -0.28 29.91 15.71
N CYS D 237 0.73 29.07 15.53
CA CYS D 237 0.70 28.06 14.48
C CYS D 237 -0.47 27.12 14.72
N GLU D 238 -0.62 26.74 15.97
CA GLU D 238 -1.59 25.72 16.32
C GLU D 238 -3.00 26.25 16.14
N ARG D 239 -3.16 27.57 16.28
CA ARG D 239 -4.49 28.18 16.17
C ARG D 239 -4.96 28.02 14.73
N ILE D 240 -4.09 28.46 13.81
CA ILE D 240 -4.40 28.51 12.40
C ILE D 240 -4.61 27.11 11.85
N LEU D 241 -3.93 26.11 12.41
CA LEU D 241 -4.14 24.72 12.00
C LEU D 241 -5.51 24.28 12.42
N VAL D 242 -5.87 24.51 13.67
CA VAL D 242 -7.15 23.99 14.19
C VAL D 242 -8.29 24.74 13.53
N ASP D 243 -8.06 26.00 13.23
CA ASP D 243 -9.10 26.88 12.72
C ASP D 243 -9.19 26.91 11.18
N PHE D 244 -8.07 26.91 10.47
CA PHE D 244 -8.10 26.86 9.00
C PHE D 244 -7.74 25.48 8.43
N PHE D 245 -6.57 24.97 8.78
CA PHE D 245 -6.02 23.90 7.96
C PHE D 245 -6.70 22.54 8.05
N TYR D 246 -7.04 22.04 9.25
CA TYR D 246 -7.76 20.75 9.33
C TYR D 246 -9.21 20.87 8.81
N PRO D 247 -9.81 22.05 8.92
CA PRO D 247 -11.06 22.18 8.14
C PRO D 247 -10.87 22.15 6.61
N PHE D 248 -9.92 22.94 6.05
CA PHE D 248 -9.59 22.86 4.63
C PHE D 248 -9.17 21.45 4.17
N MET D 249 -8.67 20.64 5.10
CA MET D 249 -8.23 19.28 4.76
CA MET D 249 -8.22 19.26 4.82
C MET D 249 -9.44 18.37 4.59
N ALA D 250 -10.50 18.65 5.35
CA ALA D 250 -11.70 17.83 5.34
C ALA D 250 -12.46 18.01 4.03
N ILE D 251 -12.41 19.22 3.49
CA ILE D 251 -12.84 19.52 2.13
C ILE D 251 -11.89 18.91 1.05
N ARG D 252 -10.59 19.15 1.20
CA ARG D 252 -9.62 18.68 0.22
C ARG D 252 -9.68 17.17 0.10
N ASN D 253 -10.18 16.52 1.15
CA ASN D 253 -10.25 15.08 1.21
C ASN D 253 -11.57 14.54 0.70
N ARG D 254 -12.43 15.43 0.23
CA ARG D 254 -13.71 14.98 -0.28
C ARG D 254 -13.47 14.18 -1.56
N ALA D 255 -12.47 14.58 -2.33
CA ALA D 255 -12.27 14.03 -3.67
C ALA D 255 -10.81 13.97 -4.05
N LYS D 256 -10.47 13.00 -4.89
CA LYS D 256 -9.14 12.94 -5.46
C LYS D 256 -8.87 14.20 -6.27
N GLY D 257 -7.63 14.68 -6.19
CA GLY D 257 -7.23 15.77 -7.02
C GLY D 257 -7.57 17.14 -6.43
N TYR D 258 -8.39 17.19 -5.38
CA TYR D 258 -8.78 18.48 -4.78
C TYR D 258 -7.64 19.22 -4.13
N ALA D 259 -6.46 18.63 -4.06
CA ALA D 259 -5.32 19.37 -3.54
C ALA D 259 -4.99 20.55 -4.45
N VAL D 260 -5.28 20.41 -5.74
CA VAL D 260 -5.33 21.54 -6.67
C VAL D 260 -6.73 22.17 -6.74
N SER D 261 -7.76 21.36 -7.00
CA SER D 261 -9.13 21.86 -7.25
C SER D 261 -9.66 22.81 -6.16
N ALA D 262 -9.42 22.48 -4.89
CA ALA D 262 -9.97 23.28 -3.81
C ALA D 262 -9.18 24.56 -3.72
N VAL D 263 -7.91 24.48 -4.11
CA VAL D 263 -7.03 25.63 -4.18
C VAL D 263 -7.43 26.60 -5.31
N LYS D 264 -7.77 26.06 -6.47
CA LYS D 264 -8.19 26.90 -7.60
C LYS D 264 -9.61 27.44 -7.36
N ALA D 265 -10.40 26.75 -6.53
CA ALA D 265 -11.72 27.25 -6.14
C ALA D 265 -11.58 28.44 -5.20
N GLY D 266 -10.56 28.40 -4.34
CA GLY D 266 -10.26 29.48 -3.43
C GLY D 266 -9.82 30.75 -4.16
N VAL D 267 -9.03 30.57 -5.21
CA VAL D 267 -8.57 31.69 -6.03
C VAL D 267 -9.75 32.41 -6.71
N ARG D 268 -10.69 31.65 -7.23
CA ARG D 268 -11.82 32.24 -7.94
C ARG D 268 -12.75 32.89 -6.94
N LEU D 269 -12.71 32.41 -5.69
CA LEU D 269 -13.53 32.99 -4.63
C LEU D 269 -13.05 34.41 -4.27
N GLN D 270 -11.74 34.61 -4.21
CA GLN D 270 -11.17 35.94 -3.94
C GLN D 270 -11.30 36.84 -5.16
N GLY D 271 -11.77 36.27 -6.28
CA GLY D 271 -12.20 37.04 -7.43
C GLY D 271 -11.30 37.07 -8.64
N PHE D 272 -10.30 36.20 -8.66
CA PHE D 272 -9.39 36.09 -9.80
C PHE D 272 -9.98 35.12 -10.84
N ASN D 273 -9.77 35.43 -12.11
CA ASN D 273 -10.45 34.72 -13.20
C ASN D 273 -9.68 33.47 -13.58
N ALA D 274 -9.64 32.53 -12.65
CA ALA D 274 -8.86 31.31 -12.83
C ALA D 274 -9.57 30.33 -13.76
N GLY D 275 -10.88 30.16 -13.58
CA GLY D 275 -11.62 29.19 -14.38
C GLY D 275 -11.38 27.72 -14.02
N PRO D 276 -11.76 26.80 -14.92
CA PRO D 276 -11.83 25.41 -14.52
C PRO D 276 -10.47 24.75 -14.38
N VAL D 277 -10.45 23.57 -13.76
CA VAL D 277 -9.34 22.64 -13.91
C VAL D 277 -9.53 21.92 -15.23
N ARG D 278 -8.43 21.45 -15.77
CA ARG D 278 -8.43 20.54 -16.89
C ARG D 278 -8.61 19.14 -16.37
N ALA D 279 -9.49 18.38 -17.03
CA ALA D 279 -9.54 16.93 -16.84
C ALA D 279 -8.12 16.32 -16.93
N PRO D 280 -7.87 15.25 -16.15
CA PRO D 280 -8.83 14.51 -15.33
C PRO D 280 -9.07 15.01 -13.92
N LEU D 281 -8.72 16.26 -13.62
CA LEU D 281 -9.21 16.87 -12.38
C LEU D 281 -10.67 17.18 -12.62
N LYS D 282 -11.39 17.50 -11.56
CA LYS D 282 -12.72 18.09 -11.62
C LYS D 282 -12.81 19.23 -10.64
N ASP D 283 -13.81 20.10 -10.80
CA ASP D 283 -14.00 21.20 -9.87
C ASP D 283 -14.97 20.82 -8.76
N LEU D 284 -14.77 21.47 -7.62
CA LEU D 284 -15.66 21.37 -6.48
C LEU D 284 -17.08 21.70 -6.88
N THR D 285 -18.02 20.92 -6.36
CA THR D 285 -19.42 21.22 -6.51
C THR D 285 -19.67 22.58 -5.88
N ASN D 286 -20.85 23.16 -6.13
CA ASN D 286 -21.17 24.45 -5.56
C ASN D 286 -21.25 24.37 -4.04
N GLU D 287 -21.77 23.25 -3.53
CA GLU D 287 -21.89 23.00 -2.09
C GLU D 287 -20.52 23.07 -1.45
N GLU D 288 -19.55 22.47 -2.12
CA GLU D 288 -18.18 22.50 -1.65
C GLU D 288 -17.59 23.90 -1.74
N ILE D 289 -17.92 24.67 -2.78
CA ILE D 289 -17.39 26.02 -2.90
C ILE D 289 -18.00 26.83 -1.76
N GLY D 290 -19.26 26.51 -1.43
CA GLY D 290 -19.93 27.15 -0.30
C GLY D 290 -19.18 26.85 0.99
N MET D 291 -18.89 25.57 1.21
CA MET D 291 -18.06 25.15 2.34
C MET D 291 -16.79 25.96 2.38
N LEU D 292 -16.13 26.07 1.24
CA LEU D 292 -14.87 26.79 1.22
C LEU D 292 -15.07 28.27 1.54
N GLU D 293 -16.09 28.90 0.95
CA GLU D 293 -16.35 30.33 1.15
C GLU D 293 -16.55 30.69 2.63
N ALA D 294 -17.28 29.83 3.34
CA ALA D 294 -17.52 30.02 4.77
C ALA D 294 -16.22 29.96 5.57
N LEU D 295 -15.30 29.08 5.16
CA LEU D 295 -14.03 28.90 5.84
C LEU D 295 -13.09 30.09 5.60
N ILE D 296 -12.98 30.55 4.36
CA ILE D 296 -12.11 31.70 4.03
C ILE D 296 -12.53 32.94 4.83
N GLY D 297 -13.85 33.13 4.97
CA GLY D 297 -14.45 34.16 5.80
C GLY D 297 -13.73 35.49 5.94
N THR D 298 -13.30 35.78 7.17
CA THR D 298 -12.62 37.03 7.49
C THR D 298 -11.54 37.35 6.47
N HIS D 299 -10.90 36.31 5.94
CA HIS D 299 -9.78 36.51 5.03
C HIS D 299 -10.23 36.78 3.61
N LYS D 300 -11.54 36.77 3.38
CA LYS D 300 -12.09 37.03 2.05
C LYS D 300 -11.53 38.35 1.57
N ARG D 301 -11.01 38.37 0.35
CA ARG D 301 -10.48 39.61 -0.20
C ARG D 301 -11.63 40.60 -0.34
N LYS D 302 -11.37 41.87 -0.06
CA LYS D 302 -12.40 42.91 -0.14
C LYS D 302 -12.03 44.08 -1.03
N ALA D 303 -13.05 44.61 -1.68
CA ALA D 303 -12.90 45.71 -2.63
C ALA D 303 -12.34 46.96 -1.96
C2 OOG E . 9.83 -0.87 18.42
C2 OOG E . 10.79 0.94 19.48
C3 OOG E . 9.21 -0.38 19.71
C3 OOG E . 9.27 0.76 19.53
C4 OOG E . 7.89 0.32 19.39
C4 OOG E . 8.75 0.55 20.96
C6 OOG E . 6.63 -1.45 20.81
C6 OOG E . 7.02 -1.35 21.48
O4 OOG E . 7.07 -2.33 20.02
O4 OOG E . 7.91 -2.25 21.35
O3 OOG E . 5.98 -1.80 21.83
O3 OOG E . 5.94 -1.64 22.05
C5 OOG E . 6.91 0.01 20.50
C5 OOG E . 7.28 0.07 20.98
C1 OOG E . 9.99 -2.38 18.44
C1 OOG E . 11.54 0.35 18.28
O1 OOG E . 11.10 -2.90 18.76
O1 OOG E . 11.09 -0.65 17.62
O2 OOG E . 8.98 -3.08 18.08
O2 OOG E . 12.64 0.85 17.91
C2 OOG F . -14.82 -14.76 4.83
C2 OOG F . -15.18 -15.87 3.58
C3 OOG F . -13.41 -15.30 4.81
C3 OOG F . -13.82 -15.94 4.29
C4 OOG F . -13.44 -16.82 4.94
C4 OOG F . -13.62 -17.32 4.89
C6 OOG F . -12.57 -17.25 7.37
C6 OOG F . -12.67 -17.23 7.32
O4 OOG F . -11.72 -17.69 8.18
O4 OOG F . -11.85 -17.64 8.18
O3 OOG F . -13.64 -16.73 7.81
O3 OOG F . -13.73 -16.64 7.71
C5 OOG F . -12.33 -17.30 5.86
C5 OOG F . -12.43 -17.40 5.83
C1 OOG F . -15.11 -13.95 6.08
C1 OOG F . -15.69 -14.43 3.43
O1 OOG F . -16.28 -13.49 6.28
O1 OOG F . -16.62 -14.18 2.61
O2 OOG F . -14.15 -13.74 6.89
O2 OOG F . -15.19 -13.49 4.14
C2 OOG G . 2.27 -6.67 -22.20
C3 OOG G . 1.22 -5.66 -22.55
C4 OOG G . 0.98 -4.76 -21.35
C6 OOG G . 1.51 -2.58 -22.53
O4 OOG G . 2.71 -3.02 -22.61
O3 OOG G . 1.20 -1.43 -22.93
C5 OOG G . 0.43 -3.48 -21.97
C1 OOG G . 2.45 -7.51 -23.45
O1 OOG G . 1.78 -8.54 -23.60
O2 OOG G . 3.25 -7.18 -24.37
C FMT H . 5.56 -1.60 -18.49
O1 FMT H . 4.72 -1.45 -19.38
O2 FMT H . 6.34 -0.69 -18.12
H FMT H . 5.65 -2.56 -17.97
C2 OOG I . 1.44 21.32 -2.57
C3 OOG I . 2.69 21.87 -3.29
C4 OOG I . 3.38 20.80 -4.15
C6 OOG I . 4.03 21.25 -6.66
O4 OOG I . 4.87 21.08 -7.60
O3 OOG I . 2.84 21.44 -7.01
C5 OOG I . 4.44 21.26 -5.17
C1 OOG I . 0.79 22.06 -1.38
O1 OOG I . -0.44 21.86 -1.19
O2 OOG I . 1.37 22.82 -0.52
C FMT J . -1.01 17.23 -7.81
O1 FMT J . -1.37 16.41 -6.95
O2 FMT J . -0.12 18.07 -7.61
H FMT J . -1.50 17.16 -8.78
#